data_3R7W
#
_entry.id   3R7W
#
_cell.length_a   68.908
_cell.length_b   148.439
_cell.length_c   98.508
_cell.angle_alpha   90.00
_cell.angle_beta   100.61
_cell.angle_gamma   90.00
#
_symmetry.space_group_name_H-M   'P 1 21 1'
#
loop_
_entity.id
_entity.type
_entity.pdbx_description
1 polymer 'GTP-binding protein GTR1'
2 polymer 'GTP-binding protein GTR2'
3 non-polymer 'PHOSPHOAMINOPHOSPHONIC ACID-GUANYLATE ESTER'
4 non-polymer 'MAGNESIUM ION'
5 water water
#
loop_
_entity_poly.entity_id
_entity_poly.type
_entity_poly.pdbx_seq_one_letter_code
_entity_poly.pdbx_strand_id
1 'polypeptide(L)'
;PLGSKLLL(MSE)GRSGSGKSS(MSE)RSIIFSNYSAFDTRRLGATIDVEHSHLRFLGN(MSE)TLNLWDCGGQDVF
(MSE)ENYFTKQKDHIFQ(MSE)VQVLIHVFDVESTEVLKDIEIFAKALKQLRKYSPDAKIFVLLHK(MSE)DLVQLDKR
EELFQI(MSE)(MSE)KNLSETSSEFGFPNLIGFPTSIWDESLYKAWSQIVCSLIPN(MSE)SNHQSNLKKFKEI(MSE)
NALEIILFERTTFLVICSSNGENSNENHDSSDNNNVLLDPKRFEKISNI(MSE)KNFKQSCTKLKSGFKTLILNNNIYVS
ELSSN(MSE)VCFIVLKD(MSE)NIPQELVLENIKKAKEFFQ
;
A,C
2 'polypeptide(L)'
;(MSE)VLL(MSE)GVRRCGKSSICKVVFHN(MSE)QPLDTLYLESTSNPSLEHFSTLIDLAV(MSE)ELPGQLNYFEPSY
DSERLFKSVGALVYVIDSQDEYINAITNLA(MSE)IIEYAYKVNPSINIEVLIHKVDGLSEDFKVDAQRDI(MSE)QRTG
EELLELGLDGVQVSFYLTSIFDHSIYEAFSRIVQKLIPELSFLEN(MSE)LDNLIQHSKIEKAFLFDVNSKIYVSTDSNP
VDIQ(MSE)YEVCSEFIDVTIDLFDLYKAPVLRNSQKSSDKDNVINPRNELQNVSQLANGVIIYLRQ(MSE)IRGLALVA
IIRPNGTD(MSE)ESCLTVADYNIDIFKKGLEDIWANARASQAKNSIEDDV
;
B,D
#
# COMPACT_ATOMS: atom_id res chain seq x y z
N PRO A 1 48.78 -29.78 43.82
CA PRO A 1 49.92 -28.95 43.39
C PRO A 1 49.60 -28.16 42.12
N LEU A 2 49.28 -28.92 41.07
CA LEU A 2 48.83 -28.39 39.77
C LEU A 2 47.33 -28.68 39.60
N GLY A 3 46.76 -29.51 40.48
CA GLY A 3 45.32 -29.75 40.49
C GLY A 3 44.64 -28.83 41.49
N SER A 4 43.69 -28.01 41.05
CA SER A 4 43.05 -27.08 41.97
C SER A 4 41.56 -27.41 42.09
N LYS A 5 41.01 -27.39 43.31
CA LYS A 5 39.57 -27.46 43.54
C LYS A 5 39.07 -26.04 43.53
N LEU A 6 38.09 -25.74 42.69
CA LEU A 6 37.50 -24.40 42.69
C LEU A 6 36.02 -24.63 42.93
N LEU A 7 35.49 -24.17 44.06
CA LEU A 7 34.04 -24.18 44.27
C LEU A 7 33.30 -23.02 43.57
N LEU A 8 32.27 -23.32 42.77
CA LEU A 8 31.46 -22.31 42.11
C LEU A 8 30.09 -22.45 42.70
N GLY A 10 26.45 -20.77 44.55
CA GLY A 10 25.58 -19.62 44.47
C GLY A 10 24.16 -20.03 44.18
N ARG A 11 23.23 -19.19 44.56
CA ARG A 11 21.83 -19.60 44.49
C ARG A 11 21.36 -19.90 43.04
N SER A 12 20.29 -20.68 42.91
CA SER A 12 19.85 -21.14 41.60
C SER A 12 19.50 -19.95 40.72
N GLY A 13 19.63 -20.14 39.40
CA GLY A 13 19.36 -19.09 38.44
C GLY A 13 20.36 -17.93 38.40
N SER A 14 21.26 -17.86 39.37
CA SER A 14 22.26 -16.76 39.38
C SER A 14 23.19 -16.73 38.17
N GLY A 15 23.30 -17.85 37.46
CA GLY A 15 24.06 -17.89 36.23
C GLY A 15 25.43 -18.58 36.29
N LYS A 16 25.62 -19.45 37.27
CA LYS A 16 26.90 -20.12 37.46
C LYS A 16 27.33 -21.04 36.30
N SER A 17 26.41 -21.86 35.80
CA SER A 17 26.74 -22.77 34.69
C SER A 17 27.06 -21.98 33.44
N SER A 18 26.23 -21.00 33.15
CA SER A 18 26.49 -20.06 32.09
C SER A 18 27.94 -19.64 32.01
N ARG A 20 30.69 -21.02 33.39
CA ARG A 20 31.49 -22.19 33.04
C ARG A 20 31.40 -22.45 31.56
N SER A 21 30.24 -22.27 30.96
CA SER A 21 30.08 -22.60 29.55
C SER A 21 30.80 -21.63 28.66
N ILE A 22 30.90 -20.38 29.09
CA ILE A 22 31.39 -19.37 28.18
C ILE A 22 32.88 -19.36 28.25
N ILE A 23 33.44 -19.37 29.45
CA ILE A 23 34.88 -19.25 29.50
C ILE A 23 35.61 -20.55 29.15
N PHE A 24 34.99 -21.70 29.48
CA PHE A 24 35.61 -23.02 29.25
C PHE A 24 34.89 -23.97 28.26
N SER A 25 33.82 -23.54 27.61
CA SER A 25 33.10 -24.47 26.73
C SER A 25 32.68 -23.80 25.45
N ASN A 26 33.31 -22.68 25.14
CA ASN A 26 33.01 -21.94 23.91
C ASN A 26 31.53 -21.74 23.55
N TYR A 27 30.66 -21.72 24.56
CA TYR A 27 29.28 -21.27 24.43
C TYR A 27 29.28 -19.77 24.19
N SER A 28 28.45 -19.32 23.26
CA SER A 28 28.15 -17.89 23.11
C SER A 28 27.14 -17.54 24.19
N ALA A 29 27.03 -16.26 24.56
CA ALA A 29 26.12 -15.87 25.63
C ALA A 29 24.70 -16.39 25.36
N PHE A 30 24.23 -16.18 24.14
CA PHE A 30 22.96 -16.72 23.69
C PHE A 30 22.86 -18.19 24.06
N ASP A 31 23.70 -19.02 23.45
CA ASP A 31 23.74 -20.45 23.70
C ASP A 31 23.37 -20.86 25.12
N THR A 32 23.68 -20.00 26.11
CA THR A 32 23.59 -20.37 27.53
C THR A 32 22.17 -20.60 28.04
N ARG A 33 21.17 -20.16 27.28
CA ARG A 33 19.79 -20.27 27.76
C ARG A 33 19.33 -21.72 27.94
N ARG A 34 19.85 -22.64 27.13
CA ARG A 34 19.39 -24.04 27.18
C ARG A 34 20.00 -24.86 28.28
N LEU A 35 21.02 -24.33 28.93
CA LEU A 35 21.63 -25.02 30.07
C LEU A 35 20.49 -25.33 31.04
N GLY A 36 20.38 -26.57 31.49
CA GLY A 36 19.32 -26.91 32.43
C GLY A 36 19.70 -26.56 33.86
N ALA A 37 18.94 -27.00 34.83
CA ALA A 37 19.38 -26.79 36.19
C ALA A 37 20.47 -27.82 36.41
N THR A 38 21.35 -27.53 37.36
CA THR A 38 22.45 -28.43 37.64
C THR A 38 22.03 -29.30 38.80
N ILE A 39 22.11 -30.62 38.63
CA ILE A 39 21.74 -31.52 39.71
C ILE A 39 22.91 -31.78 40.63
N ASP A 40 22.79 -31.39 41.90
CA ASP A 40 23.91 -31.52 42.82
C ASP A 40 25.16 -30.91 42.13
N VAL A 41 26.38 -31.36 42.43
CA VAL A 41 27.57 -30.76 41.82
C VAL A 41 27.76 -31.30 40.39
N GLU A 42 28.16 -30.43 39.47
CA GLU A 42 28.53 -30.89 38.14
C GLU A 42 30.02 -30.61 38.00
N HIS A 43 30.84 -31.67 37.88
CA HIS A 43 32.30 -31.48 37.84
C HIS A 43 32.86 -31.29 36.46
N SER A 44 33.94 -30.50 36.42
CA SER A 44 34.63 -30.25 35.19
C SER A 44 36.12 -30.29 35.44
N HIS A 45 36.86 -31.02 34.63
CA HIS A 45 38.29 -31.09 34.87
C HIS A 45 38.94 -30.42 33.70
N LEU A 46 39.05 -29.10 33.80
CA LEU A 46 39.48 -28.29 32.69
C LEU A 46 40.98 -28.26 32.78
N ARG A 47 41.66 -28.01 31.67
CA ARG A 47 43.11 -28.09 31.64
C ARG A 47 43.63 -26.76 31.14
N PHE A 48 44.46 -26.13 31.95
CA PHE A 48 44.78 -24.74 31.74
C PHE A 48 46.31 -24.62 31.66
N LEU A 49 46.80 -23.74 30.79
CA LEU A 49 48.24 -23.55 30.60
C LEU A 49 49.02 -24.85 30.36
N GLY A 50 48.41 -25.81 29.71
CA GLY A 50 49.11 -27.06 29.43
C GLY A 50 49.20 -28.11 30.52
N ASN A 51 49.68 -27.74 31.70
CA ASN A 51 49.86 -28.69 32.81
C ASN A 51 48.87 -28.58 34.00
N THR A 53 45.47 -28.47 35.99
CA THR A 53 44.13 -28.96 35.86
C THR A 53 43.27 -28.26 36.91
N LEU A 54 42.26 -27.51 36.42
CA LEU A 54 41.31 -26.78 37.22
C LEU A 54 40.02 -27.60 37.35
N ASN A 55 39.80 -28.29 38.47
CA ASN A 55 38.55 -29.00 38.59
C ASN A 55 37.47 -28.09 39.20
N LEU A 56 36.54 -27.69 38.35
CA LEU A 56 35.47 -26.78 38.65
C LEU A 56 34.34 -27.59 39.22
N TRP A 57 34.04 -27.40 40.50
CA TRP A 57 32.83 -27.97 41.07
C TRP A 57 31.68 -26.97 40.92
N ASP A 58 30.81 -27.21 39.94
CA ASP A 58 29.72 -26.29 39.68
C ASP A 58 28.51 -26.77 40.47
N CYS A 59 28.40 -26.31 41.72
CA CYS A 59 27.39 -26.77 42.67
C CYS A 59 25.98 -26.25 42.39
N GLY A 60 25.04 -27.16 42.08
CA GLY A 60 23.66 -26.77 41.84
C GLY A 60 23.21 -25.91 42.99
N GLY A 61 22.51 -24.83 42.69
CA GLY A 61 22.16 -23.88 43.74
C GLY A 61 20.80 -24.00 44.41
N GLN A 62 19.89 -24.76 43.82
CA GLN A 62 18.58 -24.95 44.42
C GLN A 62 18.70 -25.37 45.89
N ASP A 63 17.64 -25.07 46.65
CA ASP A 63 17.70 -25.24 48.10
C ASP A 63 17.87 -26.72 48.51
N VAL A 64 17.19 -27.62 47.78
CA VAL A 64 17.34 -29.06 47.99
C VAL A 64 18.83 -29.40 48.10
N PHE A 65 19.57 -29.05 47.04
CA PHE A 65 20.98 -29.38 46.95
C PHE A 65 21.76 -28.57 47.97
N GLU A 67 21.05 -27.13 51.02
CA GLU A 67 21.13 -27.49 52.44
C GLU A 67 21.93 -28.79 52.61
N ASN A 68 22.08 -29.53 51.51
CA ASN A 68 22.97 -30.68 51.47
C ASN A 68 24.41 -30.25 51.67
N TYR A 69 24.89 -29.35 50.82
CA TYR A 69 26.29 -28.95 50.84
C TYR A 69 26.75 -28.58 52.22
N PHE A 70 25.85 -28.01 53.03
CA PHE A 70 26.22 -27.54 54.39
C PHE A 70 26.00 -28.56 55.51
N THR A 71 25.18 -29.57 55.28
CA THR A 71 25.05 -30.65 56.26
C THR A 71 25.81 -31.93 55.86
N LYS A 72 25.13 -32.81 55.13
CA LYS A 72 25.64 -34.15 54.84
C LYS A 72 27.03 -34.12 54.19
N GLN A 73 27.15 -33.43 53.05
CA GLN A 73 28.35 -33.37 52.24
C GLN A 73 29.35 -32.32 52.70
N LYS A 74 29.18 -31.75 53.88
CA LYS A 74 30.02 -30.60 54.26
C LYS A 74 31.53 -30.86 54.18
N ASP A 75 31.99 -31.98 54.72
CA ASP A 75 33.43 -32.26 54.70
C ASP A 75 33.95 -32.57 53.30
N HIS A 76 33.05 -33.04 52.45
CA HIS A 76 33.39 -33.41 51.07
C HIS A 76 33.51 -32.16 50.22
N ILE A 77 32.46 -31.34 50.25
CA ILE A 77 32.44 -30.13 49.46
C ILE A 77 33.50 -29.13 49.93
N PHE A 78 33.82 -29.11 51.23
CA PHE A 78 34.67 -28.01 51.72
C PHE A 78 36.13 -28.30 52.06
N GLN A 79 36.52 -29.57 52.08
CA GLN A 79 37.91 -29.95 52.28
C GLN A 79 38.78 -29.70 51.03
N VAL A 81 39.76 -26.95 49.39
CA VAL A 81 39.33 -25.94 48.42
C VAL A 81 40.44 -24.91 48.23
N GLN A 82 40.70 -24.54 46.98
CA GLN A 82 41.68 -23.51 46.71
C GLN A 82 41.02 -22.18 46.44
N VAL A 83 39.76 -22.23 45.99
CA VAL A 83 39.06 -21.02 45.56
C VAL A 83 37.56 -21.19 45.71
N LEU A 84 36.92 -20.25 46.43
CA LEU A 84 35.49 -20.08 46.38
C LEU A 84 35.24 -18.94 45.42
N ILE A 85 34.24 -19.13 44.57
CA ILE A 85 33.79 -18.11 43.64
C ILE A 85 32.32 -18.16 43.91
N HIS A 86 31.82 -17.15 44.62
CA HIS A 86 30.41 -17.16 44.98
C HIS A 86 29.73 -16.18 44.07
N VAL A 87 28.61 -16.56 43.45
CA VAL A 87 27.93 -15.61 42.58
C VAL A 87 26.54 -15.21 43.05
N PHE A 88 26.20 -13.94 42.82
CA PHE A 88 24.99 -13.32 43.35
C PHE A 88 24.13 -12.75 42.22
N ASP A 89 22.94 -13.29 41.98
CA ASP A 89 22.02 -12.66 41.03
C ASP A 89 21.64 -11.28 41.57
N VAL A 90 21.80 -10.24 40.76
CA VAL A 90 21.50 -8.90 41.30
C VAL A 90 20.02 -8.54 41.23
N GLU A 91 19.30 -9.23 40.36
CA GLU A 91 17.85 -9.14 40.36
C GLU A 91 17.31 -10.17 41.36
N SER A 92 18.14 -10.57 42.32
CA SER A 92 17.74 -11.58 43.32
C SER A 92 16.69 -11.01 44.23
N THR A 93 15.69 -11.83 44.50
CA THR A 93 14.63 -11.52 45.46
C THR A 93 14.98 -11.72 46.93
N GLU A 94 15.92 -12.61 47.24
CA GLU A 94 16.30 -12.80 48.65
C GLU A 94 17.78 -12.46 48.89
N VAL A 95 18.12 -11.18 48.81
CA VAL A 95 19.48 -10.75 49.07
C VAL A 95 20.08 -11.15 50.43
N LEU A 96 19.26 -11.27 51.46
CA LEU A 96 19.76 -11.59 52.79
C LEU A 96 19.93 -13.10 52.99
N LYS A 97 19.09 -13.87 52.29
CA LYS A 97 19.21 -15.32 52.26
C LYS A 97 20.49 -15.63 51.47
N ASP A 98 20.67 -14.92 50.36
CA ASP A 98 21.89 -15.05 49.60
C ASP A 98 23.09 -14.80 50.50
N ILE A 99 23.22 -13.62 51.09
CA ILE A 99 24.37 -13.42 51.96
C ILE A 99 24.43 -14.48 53.06
N GLU A 100 23.28 -15.08 53.32
CA GLU A 100 23.18 -16.06 54.39
C GLU A 100 23.99 -17.27 53.97
N ILE A 101 23.65 -17.87 52.82
CA ILE A 101 24.40 -19.01 52.28
C ILE A 101 25.89 -18.70 52.02
N PHE A 102 26.20 -17.50 51.54
CA PHE A 102 27.60 -17.09 51.45
C PHE A 102 28.25 -17.32 52.81
N ALA A 103 27.54 -16.95 53.88
CA ALA A 103 28.18 -17.04 55.19
C ALA A 103 28.23 -18.47 55.70
N LYS A 104 27.21 -19.26 55.35
CA LYS A 104 27.17 -20.66 55.68
C LYS A 104 28.40 -21.33 55.08
N ALA A 105 28.71 -21.00 53.82
CA ALA A 105 29.87 -21.51 53.09
C ALA A 105 31.18 -21.07 53.72
N LEU A 106 31.39 -19.77 53.75
CA LEU A 106 32.57 -19.18 54.36
C LEU A 106 32.87 -19.84 55.70
N LYS A 107 31.81 -20.18 56.42
CA LYS A 107 31.93 -20.86 57.70
C LYS A 107 32.73 -22.16 57.54
N GLN A 108 32.26 -23.06 56.66
CA GLN A 108 32.88 -24.37 56.41
C GLN A 108 34.30 -24.24 55.85
N LEU A 109 34.48 -23.32 54.90
CA LEU A 109 35.82 -23.01 54.47
C LEU A 109 36.72 -22.69 55.66
N ARG A 110 36.13 -22.13 56.73
CA ARG A 110 36.96 -21.69 57.86
C ARG A 110 37.58 -22.85 58.64
N LYS A 111 36.80 -23.88 58.92
CA LYS A 111 37.37 -25.05 59.59
C LYS A 111 38.19 -25.88 58.61
N TYR A 112 37.58 -26.20 57.46
CA TYR A 112 38.17 -27.13 56.49
C TYR A 112 39.31 -26.61 55.59
N SER A 113 39.16 -25.45 54.97
CA SER A 113 40.23 -24.90 54.12
C SER A 113 40.50 -23.42 54.37
N PRO A 114 41.08 -23.10 55.54
CA PRO A 114 41.25 -21.72 55.99
C PRO A 114 42.00 -20.88 54.97
N ASP A 115 42.81 -21.51 54.13
CA ASP A 115 43.68 -20.78 53.19
C ASP A 115 43.04 -20.47 51.84
N ALA A 116 41.81 -20.94 51.65
CA ALA A 116 41.07 -20.75 50.41
C ALA A 116 41.02 -19.29 49.99
N LYS A 117 41.12 -19.07 48.68
CA LYS A 117 40.97 -17.75 48.09
C LYS A 117 39.48 -17.44 47.84
N ILE A 118 39.00 -16.26 48.25
CA ILE A 118 37.58 -15.96 48.07
C ILE A 118 37.39 -14.87 47.02
N PHE A 119 36.50 -15.13 46.05
CA PHE A 119 36.11 -14.10 45.07
C PHE A 119 34.59 -14.12 45.04
N VAL A 120 34.00 -12.95 44.76
CA VAL A 120 32.57 -12.90 44.62
C VAL A 120 32.25 -12.15 43.34
N LEU A 121 31.16 -12.55 42.70
CA LEU A 121 30.74 -11.88 41.49
C LEU A 121 29.27 -11.41 41.60
N LEU A 122 29.09 -10.10 41.48
CA LEU A 122 27.77 -9.49 41.37
C LEU A 122 27.26 -9.76 39.97
N HIS A 123 26.50 -10.83 39.75
CA HIS A 123 26.28 -11.25 38.36
C HIS A 123 24.99 -10.76 37.72
N LYS A 124 24.87 -10.88 36.40
CA LYS A 124 23.68 -10.46 35.68
C LYS A 124 23.51 -8.94 35.68
N ASP A 126 23.79 -6.60 33.56
CA ASP A 126 23.23 -5.95 32.38
C ASP A 126 21.71 -5.70 32.50
N LEU A 127 21.13 -6.20 33.59
CA LEU A 127 19.74 -5.99 33.93
C LEU A 127 19.60 -4.77 34.86
N VAL A 128 20.69 -4.06 35.16
CA VAL A 128 20.56 -2.77 35.86
C VAL A 128 21.20 -1.62 35.08
N GLN A 129 20.45 -0.53 34.95
CA GLN A 129 20.83 0.63 34.15
C GLN A 129 22.11 1.28 34.65
N LEU A 130 22.83 1.93 33.74
CA LEU A 130 24.20 2.35 34.04
C LEU A 130 24.37 3.27 35.25
N ASP A 131 23.50 4.27 35.37
CA ASP A 131 23.54 5.25 36.48
C ASP A 131 23.48 4.60 37.89
N LYS A 132 22.81 3.46 37.99
CA LYS A 132 22.64 2.75 39.26
C LYS A 132 23.63 1.59 39.53
N ARG A 133 24.34 1.12 38.48
CA ARG A 133 25.27 0.00 38.62
C ARG A 133 26.34 0.16 39.71
N GLU A 134 27.16 1.20 39.65
CA GLU A 134 28.22 1.34 40.67
C GLU A 134 27.68 1.40 42.12
N GLU A 135 26.51 2.00 42.30
CA GLU A 135 25.92 2.10 43.63
C GLU A 135 25.47 0.71 44.08
N LEU A 136 24.84 -0.04 43.18
CA LEU A 136 24.43 -1.41 43.49
C LEU A 136 25.66 -2.24 43.91
N PHE A 137 26.79 -2.00 43.26
CA PHE A 137 27.97 -2.80 43.54
C PHE A 137 28.55 -2.41 44.89
N GLN A 138 28.71 -1.11 45.09
CA GLN A 138 29.34 -0.60 46.30
C GLN A 138 28.58 -0.94 47.61
N ILE A 139 27.25 -0.77 47.62
CA ILE A 139 26.43 -1.25 48.73
C ILE A 139 26.67 -2.75 48.95
N LYS A 142 30.05 -3.65 50.40
CA LYS A 142 30.20 -3.21 51.78
C LYS A 142 29.69 -4.33 52.66
N ASN A 143 28.60 -4.95 52.23
CA ASN A 143 28.01 -6.04 53.01
C ASN A 143 28.84 -7.31 53.01
N LEU A 144 29.17 -7.80 51.80
CA LEU A 144 29.91 -9.05 51.66
C LEU A 144 31.29 -8.93 52.31
N SER A 145 31.99 -7.84 52.04
CA SER A 145 33.32 -7.62 52.63
C SER A 145 33.36 -7.81 54.15
N GLU A 146 32.26 -7.51 54.84
CA GLU A 146 32.23 -7.69 56.28
C GLU A 146 31.75 -9.09 56.62
N THR A 147 30.70 -9.55 55.95
CA THR A 147 30.25 -10.93 56.10
C THR A 147 31.42 -11.89 56.02
N SER A 148 32.43 -11.44 55.29
CA SER A 148 33.56 -12.26 54.93
C SER A 148 34.71 -11.96 55.88
N SER A 149 34.98 -10.69 56.14
CA SER A 149 36.06 -10.31 57.03
C SER A 149 35.84 -10.95 58.38
N GLU A 150 34.57 -11.18 58.69
CA GLU A 150 34.17 -11.77 59.96
C GLU A 150 34.68 -13.21 60.08
N PHE A 151 34.73 -13.92 58.96
CA PHE A 151 35.17 -15.33 58.96
C PHE A 151 36.66 -15.58 58.71
N GLY A 152 37.50 -14.57 58.92
CA GLY A 152 38.95 -14.75 58.84
C GLY A 152 39.44 -14.64 57.41
N PHE A 153 38.57 -14.11 56.55
CA PHE A 153 38.97 -13.92 55.19
C PHE A 153 39.40 -12.48 54.94
N PRO A 154 38.62 -11.71 54.16
CA PRO A 154 39.00 -10.46 53.46
C PRO A 154 40.26 -9.81 53.97
N ASN A 155 40.85 -8.92 53.17
CA ASN A 155 40.23 -8.23 52.04
C ASN A 155 39.62 -9.07 50.89
N LEU A 156 38.29 -8.98 50.77
CA LEU A 156 37.54 -9.67 49.71
C LEU A 156 37.67 -9.00 48.36
N ILE A 157 37.68 -9.80 47.29
CA ILE A 157 37.69 -9.29 45.93
C ILE A 157 36.38 -9.68 45.22
N GLY A 158 35.75 -8.74 44.53
CA GLY A 158 34.51 -9.03 43.83
C GLY A 158 34.45 -8.30 42.51
N PHE A 159 33.49 -8.67 41.67
CA PHE A 159 33.43 -8.15 40.30
C PHE A 159 32.01 -7.88 39.79
N PRO A 160 31.80 -6.71 39.17
CA PRO A 160 30.54 -6.55 38.45
C PRO A 160 30.63 -7.30 37.13
N THR A 161 29.87 -8.37 37.05
CA THR A 161 30.01 -9.38 36.04
C THR A 161 28.78 -9.51 35.12
N SER A 162 29.00 -9.71 33.83
CA SER A 162 27.88 -10.06 32.98
C SER A 162 28.24 -10.97 31.82
N ILE A 163 27.25 -11.72 31.39
CA ILE A 163 27.37 -12.62 30.26
C ILE A 163 27.44 -11.81 28.95
N TRP A 164 26.97 -10.56 29.00
CA TRP A 164 26.71 -9.78 27.78
C TRP A 164 27.74 -8.71 27.52
N ASP A 165 28.82 -8.72 28.30
CA ASP A 165 30.00 -7.88 28.03
C ASP A 165 31.39 -8.56 28.29
N GLU A 166 32.45 -7.77 28.42
CA GLU A 166 33.81 -8.27 28.67
C GLU A 166 34.09 -8.62 30.14
N SER A 167 33.25 -8.15 31.05
CA SER A 167 33.50 -8.33 32.48
C SER A 167 33.72 -9.77 32.94
N LEU A 168 33.08 -10.74 32.29
CA LEU A 168 33.26 -12.14 32.68
C LEU A 168 34.74 -12.48 32.56
N TYR A 169 35.36 -12.02 31.47
CA TYR A 169 36.78 -12.24 31.22
C TYR A 169 37.66 -11.54 32.26
N LYS A 170 37.37 -10.31 32.65
CA LYS A 170 38.18 -9.71 33.70
C LYS A 170 38.13 -10.58 34.95
N ALA A 171 36.93 -11.05 35.27
CA ALA A 171 36.77 -11.76 36.53
C ALA A 171 37.50 -13.09 36.49
N TRP A 172 37.31 -13.85 35.41
CA TRP A 172 37.91 -15.18 35.36
C TRP A 172 39.42 -15.17 35.11
N SER A 173 39.90 -14.15 34.41
CA SER A 173 41.32 -13.91 34.34
C SER A 173 41.87 -13.70 35.76
N GLN A 174 41.32 -12.74 36.49
CA GLN A 174 41.86 -12.52 37.86
C GLN A 174 41.69 -13.77 38.72
N ILE A 175 40.56 -14.45 38.61
CA ILE A 175 40.36 -15.67 39.38
C ILE A 175 41.35 -16.79 39.08
N VAL A 176 41.33 -17.28 37.84
CA VAL A 176 42.20 -18.38 37.40
C VAL A 176 43.70 -18.09 37.48
N CYS A 177 44.10 -16.84 37.31
CA CYS A 177 45.49 -16.50 37.53
C CYS A 177 46.02 -16.74 38.95
N SER A 178 45.21 -16.52 39.96
CA SER A 178 45.73 -16.66 41.31
C SER A 178 46.20 -18.10 41.51
N LEU A 179 45.95 -18.96 40.52
CA LEU A 179 46.36 -20.38 40.58
C LEU A 179 47.67 -20.76 39.82
N ILE A 180 48.13 -19.88 38.93
CA ILE A 180 49.37 -20.10 38.18
C ILE A 180 50.58 -20.08 39.11
N PRO A 181 51.34 -21.20 39.15
CA PRO A 181 52.51 -21.19 40.03
C PRO A 181 53.60 -20.31 39.43
N ASN A 182 53.88 -20.55 38.15
CA ASN A 182 54.98 -19.87 37.45
C ASN A 182 55.10 -18.37 37.74
N SER A 184 55.78 -15.29 38.97
CA SER A 184 57.08 -14.62 39.01
C SER A 184 57.91 -14.77 37.70
N ASN A 185 58.09 -16.02 37.24
CA ASN A 185 58.82 -16.29 35.98
C ASN A 185 58.17 -15.62 34.77
N HIS A 186 56.93 -16.04 34.47
CA HIS A 186 56.17 -15.53 33.33
C HIS A 186 56.29 -14.04 33.27
N GLN A 187 56.11 -13.41 34.41
CA GLN A 187 56.07 -11.97 34.50
C GLN A 187 57.41 -11.37 34.06
N SER A 188 58.50 -12.02 34.47
CA SER A 188 59.87 -11.51 34.24
C SER A 188 60.35 -11.72 32.80
N ASN A 189 60.22 -12.96 32.31
CA ASN A 189 60.42 -13.22 30.89
C ASN A 189 59.58 -12.28 30.04
N LEU A 190 58.33 -12.05 30.41
CA LEU A 190 57.53 -11.07 29.71
C LEU A 190 58.22 -9.72 29.67
N LYS A 191 58.74 -9.28 30.83
CA LYS A 191 59.47 -8.01 30.90
C LYS A 191 60.65 -7.94 29.90
N LYS A 192 61.51 -8.96 29.92
CA LYS A 192 62.68 -9.03 29.01
C LYS A 192 62.26 -9.03 27.53
N PHE A 193 61.09 -9.59 27.26
CA PHE A 193 60.51 -9.69 25.92
C PHE A 193 59.91 -8.33 25.48
N LYS A 194 59.38 -7.58 26.43
CA LYS A 194 58.86 -6.25 26.13
C LYS A 194 60.01 -5.31 25.83
N GLU A 195 61.06 -5.40 26.65
CA GLU A 195 62.26 -4.57 26.52
C GLU A 195 62.90 -4.73 25.14
N ILE A 196 63.04 -5.99 24.69
CA ILE A 196 63.67 -6.33 23.41
C ILE A 196 62.98 -5.66 22.22
N ASN A 198 61.05 -3.18 22.08
CA ASN A 198 60.66 -1.79 22.27
C ASN A 198 59.15 -1.74 22.05
N ALA A 199 58.47 -2.64 22.75
CA ALA A 199 57.03 -2.80 22.67
C ALA A 199 56.29 -1.77 23.51
N LEU A 200 55.28 -1.14 22.93
CA LEU A 200 54.43 -0.24 23.68
C LEU A 200 53.65 -1.05 24.72
N GLU A 201 53.44 -2.35 24.43
CA GLU A 201 52.85 -3.27 25.42
C GLU A 201 52.78 -4.73 24.96
N ILE A 202 52.88 -5.68 25.89
CA ILE A 202 52.70 -7.09 25.56
C ILE A 202 51.84 -7.82 26.60
N ILE A 203 50.63 -8.24 26.22
CA ILE A 203 49.83 -9.11 27.08
C ILE A 203 50.10 -10.58 26.77
N LEU A 204 50.03 -11.44 27.79
CA LEU A 204 50.16 -12.87 27.56
C LEU A 204 48.86 -13.60 27.88
N PHE A 205 48.25 -14.29 26.91
CA PHE A 205 46.95 -14.94 27.11
C PHE A 205 47.03 -16.47 27.11
N GLU A 206 46.40 -17.15 28.05
CA GLU A 206 46.40 -18.61 27.97
C GLU A 206 45.71 -18.84 26.69
N ARG A 207 46.11 -19.86 25.96
CA ARG A 207 45.84 -19.92 24.52
C ARG A 207 44.42 -20.30 24.26
N THR A 208 43.96 -21.34 24.91
CA THR A 208 42.68 -21.91 24.53
C THR A 208 41.45 -21.21 25.14
N THR A 209 41.47 -20.83 26.43
CA THR A 209 40.36 -20.04 26.99
C THR A 209 40.53 -18.54 26.75
N PHE A 210 41.76 -18.10 26.59
CA PHE A 210 42.06 -16.70 26.33
C PHE A 210 41.87 -15.76 27.52
N LEU A 211 41.97 -16.32 28.73
CA LEU A 211 42.15 -15.49 29.92
C LEU A 211 43.50 -14.76 29.86
N VAL A 212 43.54 -13.52 30.33
CA VAL A 212 44.79 -12.78 30.46
C VAL A 212 45.67 -13.46 31.51
N ILE A 213 46.91 -13.77 31.17
CA ILE A 213 47.82 -14.33 32.18
C ILE A 213 48.60 -13.25 32.91
N CYS A 214 49.33 -12.42 32.19
CA CYS A 214 49.92 -11.22 32.79
C CYS A 214 50.18 -10.19 31.74
N SER A 215 50.23 -8.94 32.16
CA SER A 215 50.48 -7.87 31.23
C SER A 215 51.86 -7.27 31.50
N SER A 216 52.43 -6.59 30.52
CA SER A 216 53.76 -5.98 30.69
C SER A 216 53.71 -4.62 31.39
N ASN A 217 52.56 -3.95 31.36
CA ASN A 217 52.42 -2.62 31.99
C ASN A 217 51.07 -2.31 32.69
N LEU A 235 45.64 2.95 26.73
CA LEU A 235 45.02 3.74 27.79
C LEU A 235 43.76 3.11 28.41
N ASP A 236 42.79 2.76 27.57
CA ASP A 236 41.48 2.18 27.99
C ASP A 236 41.64 1.00 28.95
N PRO A 237 41.31 1.20 30.25
CA PRO A 237 41.70 0.25 31.31
C PRO A 237 41.00 -1.10 31.25
N LYS A 238 40.11 -1.29 30.29
CA LYS A 238 39.43 -2.57 30.10
C LYS A 238 39.87 -3.31 28.82
N ARG A 239 41.00 -2.87 28.25
CA ARG A 239 41.63 -3.46 27.07
C ARG A 239 41.76 -4.96 27.13
N PHE A 240 42.25 -5.45 28.27
CA PHE A 240 42.67 -6.84 28.36
C PHE A 240 41.48 -7.77 28.18
N GLU A 241 40.43 -7.55 28.98
CA GLU A 241 39.23 -8.35 28.87
C GLU A 241 38.54 -8.20 27.51
N LYS A 242 38.56 -7.00 26.91
CA LYS A 242 37.94 -6.86 25.60
C LYS A 242 38.75 -7.60 24.52
N ILE A 243 40.07 -7.71 24.72
CA ILE A 243 40.87 -8.51 23.78
C ILE A 243 40.60 -9.99 23.97
N SER A 244 40.37 -10.43 25.20
CA SER A 244 39.97 -11.81 25.38
C SER A 244 38.66 -12.04 24.64
N ASN A 245 37.78 -11.04 24.68
CA ASN A 245 36.45 -11.22 24.08
C ASN A 245 36.56 -11.28 22.58
N ILE A 246 37.19 -10.26 22.01
CA ILE A 246 37.39 -10.14 20.58
C ILE A 246 38.11 -11.36 20.01
N LYS A 248 38.29 -14.39 21.45
CA LYS A 248 37.39 -15.53 21.60
C LYS A 248 36.30 -15.55 20.51
N ASN A 249 35.71 -14.40 20.19
CA ASN A 249 34.77 -14.38 19.05
C ASN A 249 35.49 -14.85 17.80
N PHE A 250 36.58 -14.18 17.47
CA PHE A 250 37.39 -14.55 16.31
C PHE A 250 37.75 -16.05 16.29
N LYS A 251 38.22 -16.56 17.42
CA LYS A 251 38.54 -17.97 17.51
C LYS A 251 37.34 -18.78 17.05
N GLN A 252 36.15 -18.49 17.59
CA GLN A 252 34.97 -19.25 17.17
C GLN A 252 34.68 -19.08 15.67
N SER A 253 34.85 -17.86 15.18
CA SER A 253 34.63 -17.58 13.77
C SER A 253 35.54 -18.41 12.84
N CYS A 254 36.82 -18.56 13.20
CA CYS A 254 37.79 -19.34 12.41
C CYS A 254 37.38 -20.80 12.31
N THR A 255 36.43 -21.18 13.14
CA THR A 255 35.79 -22.48 13.06
C THR A 255 35.12 -22.69 11.69
N LYS A 256 34.70 -21.58 11.07
CA LYS A 256 34.00 -21.60 9.78
C LYS A 256 34.93 -21.97 8.60
N LEU A 257 36.20 -22.22 8.91
CA LEU A 257 37.18 -22.58 7.89
C LEU A 257 37.89 -23.83 8.38
N LYS A 258 37.40 -24.35 9.52
CA LYS A 258 37.94 -25.58 10.07
C LYS A 258 39.44 -25.53 10.35
N SER A 259 39.92 -24.46 10.99
CA SER A 259 41.32 -24.40 11.41
C SER A 259 41.54 -23.37 12.53
N GLY A 260 42.60 -23.57 13.32
CA GLY A 260 42.85 -22.73 14.47
C GLY A 260 43.66 -21.48 14.22
N PHE A 261 43.18 -20.34 14.70
CA PHE A 261 43.96 -19.12 14.59
C PHE A 261 45.40 -19.43 14.97
N LYS A 262 46.36 -18.85 14.24
CA LYS A 262 47.79 -19.07 14.49
C LYS A 262 48.55 -17.76 14.60
N THR A 263 48.40 -16.88 13.61
CA THR A 263 48.89 -15.51 13.77
C THR A 263 47.93 -14.43 13.28
N LEU A 264 48.06 -13.21 13.80
CA LEU A 264 47.39 -12.06 13.17
C LEU A 264 48.28 -10.83 13.34
N ILE A 265 48.38 -10.00 12.32
CA ILE A 265 49.15 -8.77 12.42
C ILE A 265 48.25 -7.66 11.92
N LEU A 266 48.22 -6.53 12.60
CA LEU A 266 47.28 -5.51 12.21
C LEU A 266 47.99 -4.18 12.03
N ASN A 267 47.85 -3.60 10.85
CA ASN A 267 48.73 -2.52 10.46
C ASN A 267 50.14 -3.09 10.50
N ASN A 268 51.11 -2.31 10.96
CA ASN A 268 52.41 -2.90 11.26
C ASN A 268 52.58 -2.82 12.76
N ASN A 269 51.47 -2.56 13.42
CA ASN A 269 51.44 -2.25 14.83
C ASN A 269 51.28 -3.47 15.75
N ILE A 270 50.28 -4.30 15.51
CA ILE A 270 49.87 -5.32 16.48
C ILE A 270 50.24 -6.67 15.96
N TYR A 271 50.88 -7.50 16.78
CA TYR A 271 51.18 -8.85 16.35
C TYR A 271 50.68 -9.79 17.41
N VAL A 272 50.00 -10.85 16.99
CA VAL A 272 49.44 -11.82 17.90
C VAL A 272 49.86 -13.15 17.35
N SER A 273 50.42 -14.02 18.18
CA SER A 273 50.84 -15.35 17.73
C SER A 273 50.96 -16.34 18.90
N GLU A 274 50.81 -17.63 18.61
CA GLU A 274 51.09 -18.68 19.57
C GLU A 274 52.49 -18.50 20.16
N LEU A 275 52.70 -18.88 21.43
CA LEU A 275 54.04 -19.10 21.98
C LEU A 275 54.25 -20.63 22.09
N SER A 276 54.10 -21.15 23.31
CA SER A 276 53.88 -22.58 23.47
C SER A 276 52.56 -22.97 22.79
N SER A 277 52.20 -24.25 22.88
CA SER A 277 50.85 -24.68 22.46
C SER A 277 49.84 -24.26 23.55
N ASN A 278 50.33 -23.49 24.54
CA ASN A 278 49.51 -23.09 25.69
C ASN A 278 49.47 -21.60 25.98
N VAL A 280 49.48 -17.33 24.07
CA VAL A 280 49.37 -16.45 22.93
C VAL A 280 49.93 -15.14 23.48
N CYS A 281 50.55 -14.34 22.62
CA CYS A 281 51.09 -13.06 23.03
C CYS A 281 50.51 -12.00 22.14
N PHE A 282 50.10 -10.90 22.76
CA PHE A 282 49.54 -9.77 22.04
C PHE A 282 50.54 -8.66 22.20
N ILE A 283 51.28 -8.37 21.12
CA ILE A 283 52.35 -7.38 21.11
C ILE A 283 51.90 -6.15 20.38
N VAL A 284 52.01 -4.99 21.01
CA VAL A 284 51.74 -3.74 20.30
C VAL A 284 52.98 -2.84 20.37
N LEU A 285 53.43 -2.42 19.18
CA LEU A 285 54.64 -1.60 18.99
C LEU A 285 54.38 -0.09 19.12
N LYS A 286 55.46 0.66 19.39
CA LYS A 286 55.33 2.09 19.68
C LYS A 286 54.89 2.90 18.47
N ASP A 287 55.41 2.50 17.31
CA ASP A 287 55.08 3.13 16.04
C ASP A 287 54.69 2.08 15.00
N ASN A 289 56.40 1.84 11.79
CA ASN A 289 57.37 2.00 10.70
C ASN A 289 58.61 1.09 10.70
N ILE A 290 58.60 0.04 11.51
CA ILE A 290 59.61 -1.02 11.43
C ILE A 290 59.05 -2.13 10.52
N PRO A 291 59.91 -2.80 9.72
CA PRO A 291 59.36 -3.77 8.75
C PRO A 291 58.97 -5.08 9.43
N GLN A 292 58.37 -5.98 8.66
CA GLN A 292 58.05 -7.30 9.19
C GLN A 292 59.33 -7.96 9.69
N GLU A 293 60.23 -8.26 8.76
CA GLU A 293 61.40 -9.12 8.99
C GLU A 293 61.97 -9.10 10.42
N LEU A 294 62.43 -7.92 10.84
CA LEU A 294 63.14 -7.76 12.11
C LEU A 294 62.24 -8.15 13.27
N VAL A 295 61.05 -7.55 13.27
CA VAL A 295 60.00 -7.86 14.23
C VAL A 295 59.74 -9.37 14.27
N LEU A 296 59.21 -9.92 13.20
CA LEU A 296 58.89 -11.34 13.18
C LEU A 296 60.02 -12.23 13.68
N GLU A 297 61.28 -11.83 13.46
CA GLU A 297 62.38 -12.65 13.99
C GLU A 297 62.27 -12.80 15.53
N ASN A 298 62.35 -11.67 16.23
CA ASN A 298 62.34 -11.67 17.70
C ASN A 298 61.36 -12.65 18.35
N ILE A 299 60.13 -12.70 17.84
CA ILE A 299 59.08 -13.50 18.45
C ILE A 299 59.43 -15.00 18.46
N LYS A 300 60.37 -15.38 17.59
CA LYS A 300 60.78 -16.78 17.44
C LYS A 300 61.51 -17.31 18.69
N LYS A 301 62.12 -16.40 19.44
CA LYS A 301 62.67 -16.67 20.78
C LYS A 301 63.09 -15.36 21.48
N ALA A 302 62.34 -14.88 22.49
CA ALA A 302 60.99 -15.33 22.89
C ALA A 302 60.67 -16.83 22.88
N LYS A 303 59.47 -17.15 22.39
CA LYS A 303 58.92 -18.52 22.30
C LYS A 303 59.15 -19.45 23.48
N GLU A 304 58.76 -20.72 23.31
CA GLU A 304 58.91 -21.75 24.34
C GLU A 304 60.14 -21.57 25.26
N PHE A 305 61.32 -21.59 24.65
CA PHE A 305 62.58 -21.39 25.36
C PHE A 305 62.47 -20.17 26.29
N PHE A 306 63.08 -19.06 25.87
CA PHE A 306 63.00 -17.79 26.58
C PHE A 306 61.56 -17.46 26.97
N VAL B 2 16.07 1.40 -3.28
CA VAL B 2 15.39 0.22 -2.76
C VAL B 2 14.11 0.64 -2.07
N LEU B 3 13.00 0.02 -2.44
CA LEU B 3 11.72 0.30 -1.78
C LEU B 3 11.31 -0.82 -0.83
N LEU B 4 11.32 -0.52 0.46
CA LEU B 4 10.99 -1.51 1.47
C LEU B 4 9.53 -1.38 1.90
N GLY B 6 5.75 -3.98 3.14
CA GLY B 6 5.20 -5.24 3.60
C GLY B 6 3.89 -4.94 4.27
N VAL B 7 3.56 -5.68 5.31
CA VAL B 7 2.39 -5.38 6.13
C VAL B 7 2.81 -5.24 7.59
N ARG B 8 2.41 -4.12 8.20
CA ARG B 8 2.77 -3.77 9.58
C ARG B 8 3.36 -4.89 10.47
N ARG B 9 4.40 -4.56 11.21
CA ARG B 9 5.06 -5.48 12.15
C ARG B 9 5.90 -6.60 11.51
N CYS B 10 5.98 -6.63 10.18
CA CYS B 10 6.72 -7.67 9.48
C CYS B 10 8.21 -7.64 9.80
N GLY B 11 8.87 -6.54 9.43
CA GLY B 11 10.29 -6.39 9.68
C GLY B 11 10.97 -5.33 8.83
N LYS B 12 10.17 -4.53 8.11
CA LYS B 12 10.70 -3.53 7.18
C LYS B 12 11.57 -2.41 7.80
N SER B 13 11.32 -2.06 9.06
CA SER B 13 12.04 -0.94 9.69
C SER B 13 13.11 -1.39 10.68
N SER B 14 12.95 -2.57 11.26
CA SER B 14 13.94 -3.16 12.16
C SER B 14 15.22 -3.48 11.39
N ILE B 15 15.05 -3.97 10.17
CA ILE B 15 16.18 -4.30 9.31
C ILE B 15 16.66 -3.05 8.57
N CYS B 16 15.85 -2.00 8.57
CA CYS B 16 16.21 -0.75 7.94
C CYS B 16 17.20 -0.01 8.83
N LYS B 17 17.16 -0.31 10.12
CA LYS B 17 18.05 0.33 11.08
C LYS B 17 19.16 -0.61 11.54
N VAL B 18 18.85 -1.90 11.63
CA VAL B 18 19.81 -2.90 12.08
C VAL B 18 20.96 -3.02 11.08
N VAL B 19 20.74 -2.49 9.87
CA VAL B 19 21.73 -2.59 8.80
C VAL B 19 22.48 -1.29 8.54
N PHE B 20 21.75 -0.20 8.28
CA PHE B 20 22.39 1.07 7.88
C PHE B 20 22.81 1.97 9.04
N HIS B 21 22.02 1.98 10.11
CA HIS B 21 22.38 2.69 11.33
C HIS B 21 23.40 1.88 12.13
N ASN B 22 23.69 0.69 11.63
CA ASN B 22 24.45 -0.33 12.37
C ASN B 22 24.00 -0.40 13.82
N GLN B 24 21.82 -2.57 17.07
CA GLN B 24 21.75 -3.90 17.66
C GLN B 24 20.40 -4.53 17.31
N PRO B 25 20.37 -5.86 17.15
CA PRO B 25 19.13 -6.62 16.89
C PRO B 25 18.16 -6.68 18.08
N LEU B 26 18.67 -6.51 19.31
CA LEU B 26 17.81 -6.50 20.51
C LEU B 26 16.89 -5.28 20.53
N ASP B 27 17.47 -4.09 20.35
CA ASP B 27 16.75 -2.82 20.49
C ASP B 27 15.66 -2.60 19.42
N THR B 28 15.25 -3.67 18.74
CA THR B 28 14.19 -3.60 17.74
C THR B 28 12.95 -4.43 18.08
N LEU B 29 13.04 -5.26 19.13
CA LEU B 29 11.91 -6.10 19.56
C LEU B 29 10.82 -5.29 20.28
N TYR B 30 11.04 -3.99 20.43
CA TYR B 30 10.07 -3.10 21.07
C TYR B 30 9.97 -1.74 20.35
N LEU B 31 10.57 -1.66 19.16
CA LEU B 31 10.48 -0.45 18.34
C LEU B 31 9.02 -0.07 18.09
N GLU B 32 8.80 1.17 17.65
CA GLU B 32 7.45 1.72 17.49
C GLU B 32 6.73 1.33 16.19
N SER B 33 6.50 2.33 15.33
CA SER B 33 5.69 2.16 14.12
C SER B 33 5.86 3.37 13.18
N THR B 34 6.75 3.25 12.19
CA THR B 34 7.08 4.36 11.29
C THR B 34 6.11 4.51 10.10
N SER B 35 5.05 5.30 10.30
CA SER B 35 4.04 5.51 9.26
C SER B 35 4.51 6.41 8.12
N ASN B 36 5.10 7.56 8.45
CA ASN B 36 5.60 8.48 7.42
C ASN B 36 6.58 7.78 6.47
N PRO B 37 6.38 7.93 5.15
CA PRO B 37 7.39 7.46 4.19
C PRO B 37 8.76 8.11 4.43
N SER B 38 9.64 7.41 5.14
CA SER B 38 10.96 7.94 5.47
C SER B 38 12.05 7.54 4.47
N LEU B 39 12.55 8.53 3.73
CA LEU B 39 13.66 8.32 2.80
C LEU B 39 15.00 8.49 3.49
N GLU B 40 15.59 7.39 3.95
CA GLU B 40 16.96 7.43 4.47
C GLU B 40 17.95 7.36 3.32
N HIS B 41 19.20 7.66 3.62
CA HIS B 41 20.27 7.61 2.63
C HIS B 41 21.49 6.97 3.30
N PHE B 42 21.89 5.77 2.88
CA PHE B 42 23.24 5.32 3.24
C PHE B 42 24.10 5.18 1.98
N SER B 43 25.33 5.65 2.11
CA SER B 43 26.25 5.81 1.00
C SER B 43 27.16 4.60 0.77
N THR B 44 26.86 3.83 -0.27
CA THR B 44 27.81 2.82 -0.73
C THR B 44 28.57 3.37 -1.94
N LEU B 45 28.28 4.63 -2.26
CA LEU B 45 29.03 5.43 -3.25
C LEU B 45 29.21 4.75 -4.62
N ILE B 46 28.43 5.18 -5.61
CA ILE B 46 27.47 6.30 -5.47
C ILE B 46 26.28 6.02 -4.54
N ASP B 47 25.84 7.07 -3.84
CA ASP B 47 24.83 6.96 -2.79
C ASP B 47 23.59 6.15 -3.20
N LEU B 48 23.08 5.37 -2.26
CA LEU B 48 21.91 4.53 -2.46
C LEU B 48 20.81 4.96 -1.48
N ALA B 49 19.70 5.44 -2.02
CA ALA B 49 18.56 5.88 -1.20
C ALA B 49 17.69 4.69 -0.83
N VAL B 50 17.14 4.73 0.38
CA VAL B 50 16.22 3.68 0.81
C VAL B 50 15.00 4.27 1.48
N GLU B 52 10.96 3.48 2.82
CA GLU B 52 10.28 2.40 3.48
C GLU B 52 8.83 2.82 3.75
N LEU B 53 7.97 2.56 2.77
CA LEU B 53 6.55 2.88 2.84
C LEU B 53 5.82 2.06 3.90
N PRO B 54 4.94 2.72 4.68
CA PRO B 54 4.14 2.09 5.74
C PRO B 54 3.26 0.98 5.16
N GLY B 55 3.32 -0.21 5.75
CA GLY B 55 2.73 -1.39 5.15
C GLY B 55 1.23 -1.60 5.26
N GLN B 56 0.45 -0.89 4.43
CA GLN B 56 -1.01 -1.03 4.42
C GLN B 56 -1.67 -0.48 3.16
N LEU B 57 -2.77 0.23 3.34
CA LEU B 57 -3.56 0.70 2.22
C LEU B 57 -4.02 -0.46 1.32
N ASN B 58 -4.99 -1.23 1.84
CA ASN B 58 -5.64 -2.37 1.17
C ASN B 58 -5.22 -2.70 -0.28
N TYR B 59 -4.09 -3.38 -0.43
CA TYR B 59 -3.61 -3.83 -1.74
C TYR B 59 -3.15 -2.66 -2.64
N PHE B 60 -2.03 -2.04 -2.27
CA PHE B 60 -1.41 -0.97 -3.07
C PHE B 60 -1.56 -1.29 -4.55
N GLU B 61 -2.56 -0.76 -5.29
CA GLU B 61 -3.44 0.38 -4.98
C GLU B 61 -3.12 1.54 -5.95
N PRO B 62 -3.58 1.43 -7.21
CA PRO B 62 -3.10 2.31 -8.29
C PRO B 62 -3.46 3.78 -8.07
N SER B 63 -2.48 4.66 -8.28
CA SER B 63 -2.73 6.10 -8.22
C SER B 63 -1.60 6.89 -8.87
N TYR B 64 -1.81 8.17 -9.11
CA TYR B 64 -0.75 9.03 -9.62
C TYR B 64 0.47 8.93 -8.68
N ASP B 65 0.20 8.69 -7.40
CA ASP B 65 1.23 8.48 -6.36
C ASP B 65 1.53 7.01 -6.03
N SER B 66 1.26 6.14 -7.00
CA SER B 66 1.75 4.77 -6.98
C SER B 66 2.60 4.57 -8.25
N GLU B 67 2.26 5.27 -9.32
CA GLU B 67 3.08 5.25 -10.51
C GLU B 67 4.21 6.25 -10.41
N ARG B 68 3.99 7.39 -9.77
CA ARG B 68 5.04 8.41 -9.68
C ARG B 68 6.36 7.81 -9.16
N LEU B 69 6.24 7.01 -8.10
CA LEU B 69 7.41 6.53 -7.34
C LEU B 69 8.15 5.32 -7.94
N PHE B 70 7.41 4.37 -8.52
CA PHE B 70 8.02 3.18 -9.11
C PHE B 70 8.81 3.51 -10.36
N LYS B 71 8.60 4.72 -10.86
CA LYS B 71 9.33 5.22 -12.03
C LYS B 71 10.80 5.51 -11.65
N SER B 72 11.00 5.86 -10.38
CA SER B 72 12.34 6.15 -9.83
C SER B 72 12.92 4.96 -9.05
N VAL B 73 12.06 4.02 -8.66
CA VAL B 73 12.49 2.78 -8.01
C VAL B 73 13.42 1.91 -8.88
N GLY B 74 14.40 1.27 -8.25
CA GLY B 74 15.32 0.37 -8.93
C GLY B 74 15.02 -1.09 -8.64
N ALA B 75 14.71 -1.38 -7.38
CA ALA B 75 14.30 -2.73 -7.00
C ALA B 75 13.33 -2.68 -5.82
N LEU B 76 12.36 -3.59 -5.84
CA LEU B 76 11.31 -3.62 -4.85
C LEU B 76 11.60 -4.71 -3.85
N VAL B 77 11.95 -4.32 -2.64
CA VAL B 77 12.17 -5.31 -1.59
C VAL B 77 10.88 -5.48 -0.80
N TYR B 78 10.21 -6.59 -1.03
CA TYR B 78 9.00 -6.91 -0.30
C TYR B 78 9.32 -7.85 0.84
N VAL B 79 9.35 -7.29 2.04
CA VAL B 79 9.57 -8.09 3.25
C VAL B 79 8.25 -8.74 3.65
N ILE B 80 8.34 -9.92 4.28
CA ILE B 80 7.16 -10.74 4.51
C ILE B 80 7.32 -11.64 5.72
N ASP B 81 6.67 -11.27 6.84
CA ASP B 81 6.81 -11.96 8.12
C ASP B 81 6.60 -13.48 8.03
N SER B 82 6.75 -14.17 9.17
CA SER B 82 6.51 -15.60 9.25
C SER B 82 6.41 -16.09 10.69
N GLN B 83 5.84 -15.22 11.53
CA GLN B 83 5.28 -15.61 12.81
C GLN B 83 3.83 -16.04 12.53
N ASP B 84 3.27 -15.51 11.44
CA ASP B 84 1.87 -15.72 11.05
C ASP B 84 1.58 -15.09 9.68
N GLU B 85 0.29 -14.86 9.41
CA GLU B 85 -0.16 -14.10 8.23
C GLU B 85 0.42 -14.53 6.88
N TYR B 86 0.88 -15.77 6.81
CA TYR B 86 1.67 -16.27 5.67
C TYR B 86 1.03 -16.04 4.28
N ILE B 87 -0.29 -15.90 4.23
CA ILE B 87 -1.03 -16.13 2.97
C ILE B 87 -1.52 -14.89 2.17
N ASN B 88 -2.04 -13.87 2.87
CA ASN B 88 -2.55 -12.67 2.21
C ASN B 88 -1.45 -11.81 1.61
N ALA B 89 -0.37 -11.63 2.36
CA ALA B 89 0.77 -10.81 1.94
C ALA B 89 1.23 -11.24 0.56
N ILE B 90 1.03 -12.52 0.27
CA ILE B 90 1.35 -13.07 -1.04
C ILE B 90 0.56 -12.38 -2.16
N THR B 91 -0.77 -12.34 -2.03
CA THR B 91 -1.59 -11.65 -3.03
C THR B 91 -1.28 -10.15 -3.08
N ASN B 92 -1.04 -9.58 -1.89
CA ASN B 92 -0.60 -8.19 -1.77
C ASN B 92 0.52 -7.96 -2.79
N LEU B 93 1.58 -8.75 -2.62
CA LEU B 93 2.72 -8.74 -3.52
C LEU B 93 2.27 -8.86 -4.95
N ALA B 94 1.55 -9.94 -5.27
CA ALA B 94 1.15 -10.21 -6.64
C ALA B 94 0.66 -8.93 -7.34
N ILE B 96 0.83 -5.68 -6.26
CA ILE B 96 1.89 -4.67 -6.11
C ILE B 96 2.96 -4.79 -7.20
N ILE B 97 3.20 -5.99 -7.70
CA ILE B 97 4.15 -6.17 -8.79
C ILE B 97 3.45 -6.15 -10.15
N GLU B 98 2.14 -6.41 -10.16
CA GLU B 98 1.36 -6.29 -11.40
C GLU B 98 1.48 -4.85 -11.94
N TYR B 99 1.16 -3.85 -11.12
CA TYR B 99 1.26 -2.44 -11.63
C TYR B 99 2.72 -2.01 -11.79
N ALA B 100 3.53 -2.47 -10.85
CA ALA B 100 4.94 -2.18 -10.83
C ALA B 100 5.60 -2.56 -12.15
N TYR B 101 5.24 -3.72 -12.71
CA TYR B 101 5.91 -4.18 -13.92
C TYR B 101 5.51 -3.42 -15.20
N LYS B 102 4.37 -2.73 -15.18
CA LYS B 102 4.01 -1.85 -16.29
C LYS B 102 4.47 -0.40 -16.10
N VAL B 103 4.87 -0.02 -14.89
CA VAL B 103 5.58 1.27 -14.77
C VAL B 103 7.10 1.12 -15.01
N ASN B 104 7.71 0.11 -14.36
CA ASN B 104 9.14 -0.18 -14.52
C ASN B 104 9.35 -1.65 -14.89
N PRO B 105 9.66 -1.94 -16.17
CA PRO B 105 9.87 -3.31 -16.66
C PRO B 105 11.25 -3.84 -16.25
N SER B 106 12.15 -2.91 -15.95
CA SER B 106 13.49 -3.25 -15.49
C SER B 106 13.54 -3.45 -13.97
N ILE B 107 12.39 -3.33 -13.31
CA ILE B 107 12.30 -3.49 -11.86
C ILE B 107 12.57 -4.92 -11.41
N ASN B 108 13.41 -5.05 -10.38
CA ASN B 108 13.73 -6.35 -9.82
C ASN B 108 12.90 -6.60 -8.59
N ILE B 109 12.08 -7.64 -8.62
CA ILE B 109 11.25 -8.01 -7.47
C ILE B 109 11.98 -8.95 -6.53
N GLU B 110 12.28 -8.44 -5.33
CA GLU B 110 13.05 -9.19 -4.35
C GLU B 110 12.23 -9.41 -3.11
N VAL B 111 11.97 -10.66 -2.78
CA VAL B 111 11.18 -10.93 -1.58
C VAL B 111 11.93 -11.62 -0.45
N LEU B 112 11.81 -11.01 0.74
CA LEU B 112 12.45 -11.54 1.94
C LEU B 112 11.48 -12.40 2.73
N ILE B 113 11.80 -13.69 2.85
CA ILE B 113 11.05 -14.59 3.72
C ILE B 113 11.49 -14.35 5.16
N HIS B 114 11.31 -13.12 5.63
CA HIS B 114 11.88 -12.61 6.89
C HIS B 114 11.42 -13.28 8.20
N LYS B 115 12.10 -12.94 9.29
CA LYS B 115 11.74 -13.41 10.63
C LYS B 115 11.88 -14.93 10.75
N VAL B 116 12.89 -15.48 10.08
CA VAL B 116 13.14 -16.92 10.09
C VAL B 116 14.05 -17.36 11.25
N ASP B 117 13.90 -16.72 12.41
CA ASP B 117 14.75 -16.99 13.57
C ASP B 117 14.80 -18.46 13.99
N GLY B 118 14.84 -18.71 15.29
CA GLY B 118 14.84 -20.07 15.80
C GLY B 118 13.60 -20.80 15.30
N LEU B 119 13.71 -21.41 14.12
CA LEU B 119 12.58 -22.07 13.49
C LEU B 119 13.01 -23.25 12.59
N SER B 120 13.77 -24.18 13.17
CA SER B 120 14.24 -25.39 12.48
C SER B 120 15.03 -25.09 11.19
N GLU B 121 15.51 -26.15 10.54
CA GLU B 121 16.13 -26.01 9.22
C GLU B 121 15.41 -26.83 8.14
N ASP B 122 14.48 -27.69 8.56
CA ASP B 122 13.58 -28.34 7.62
C ASP B 122 12.23 -27.61 7.51
N PHE B 123 11.90 -26.84 8.55
CA PHE B 123 10.73 -25.94 8.57
C PHE B 123 10.93 -24.86 7.51
N LYS B 124 12.19 -24.45 7.36
CA LYS B 124 12.57 -23.41 6.41
C LYS B 124 12.31 -23.80 4.94
N VAL B 125 12.85 -24.95 4.52
CA VAL B 125 12.63 -25.42 3.14
C VAL B 125 11.13 -25.45 2.86
N ASP B 126 10.38 -25.90 3.87
CA ASP B 126 8.91 -25.86 3.87
C ASP B 126 8.40 -24.49 3.46
N ALA B 127 8.56 -23.50 4.33
CA ALA B 127 8.06 -22.17 4.02
C ALA B 127 8.48 -21.69 2.62
N GLN B 128 9.78 -21.75 2.33
CA GLN B 128 10.32 -21.22 1.06
C GLN B 128 9.83 -21.94 -0.20
N ARG B 129 10.40 -23.12 -0.47
CA ARG B 129 10.31 -23.76 -1.79
C ARG B 129 8.88 -23.95 -2.33
N ASP B 130 7.89 -23.59 -1.51
CA ASP B 130 6.50 -23.69 -1.92
C ASP B 130 5.69 -22.41 -1.64
N ILE B 131 6.19 -21.56 -0.74
CA ILE B 131 5.69 -20.18 -0.67
C ILE B 131 5.93 -19.55 -2.04
N GLN B 133 5.76 -21.12 -4.71
CA GLN B 133 4.64 -21.64 -5.46
C GLN B 133 3.43 -20.74 -5.27
N ARG B 134 3.14 -20.39 -4.02
CA ARG B 134 2.00 -19.51 -3.72
C ARG B 134 2.10 -18.18 -4.44
N THR B 135 3.33 -17.73 -4.69
CA THR B 135 3.56 -16.47 -5.40
C THR B 135 3.54 -16.60 -6.93
N GLY B 136 3.84 -17.81 -7.42
CA GLY B 136 3.76 -18.08 -8.84
C GLY B 136 2.34 -18.37 -9.30
N GLU B 137 1.54 -18.91 -8.39
CA GLU B 137 0.14 -19.27 -8.67
C GLU B 137 -0.71 -18.03 -8.88
N GLU B 138 -0.54 -17.03 -8.01
CA GLU B 138 -1.22 -15.76 -8.15
C GLU B 138 -0.64 -14.97 -9.32
N LEU B 139 0.57 -15.35 -9.73
CA LEU B 139 1.19 -14.80 -10.93
C LEU B 139 0.79 -15.60 -12.18
N LEU B 140 0.08 -16.70 -11.96
CA LEU B 140 -0.51 -17.45 -13.07
C LEU B 140 -1.88 -16.88 -13.43
N GLU B 141 -2.43 -16.10 -12.49
CA GLU B 141 -3.64 -15.33 -12.75
C GLU B 141 -3.28 -14.00 -13.45
N LEU B 142 -4.15 -13.00 -13.36
CA LEU B 142 -3.98 -11.74 -14.10
C LEU B 142 -2.53 -11.28 -14.10
N GLY B 143 -1.77 -11.74 -15.09
CA GLY B 143 -0.35 -11.45 -15.20
C GLY B 143 0.39 -12.38 -16.15
N LEU B 144 1.46 -13.00 -15.64
CA LEU B 144 2.26 -13.95 -16.41
C LEU B 144 3.22 -14.72 -15.50
N ASP B 145 3.67 -15.90 -15.94
CA ASP B 145 4.52 -16.77 -15.12
C ASP B 145 5.96 -16.24 -15.06
N GLY B 146 6.49 -15.83 -16.21
CA GLY B 146 7.86 -15.36 -16.31
C GLY B 146 8.05 -13.97 -15.73
N VAL B 147 8.67 -13.91 -14.55
CA VAL B 147 8.91 -12.65 -13.85
C VAL B 147 10.20 -12.72 -13.05
N GLN B 148 10.81 -11.57 -12.77
CA GLN B 148 11.93 -11.50 -11.83
C GLN B 148 11.43 -11.78 -10.40
N VAL B 149 11.69 -12.98 -9.91
CA VAL B 149 11.41 -13.29 -8.52
C VAL B 149 12.65 -13.88 -7.87
N SER B 150 12.90 -13.45 -6.65
CA SER B 150 14.06 -13.89 -5.90
C SER B 150 13.60 -14.01 -4.45
N PHE B 151 14.03 -15.09 -3.79
CA PHE B 151 13.54 -15.40 -2.44
C PHE B 151 14.68 -15.65 -1.44
N TYR B 152 14.81 -14.77 -0.45
CA TYR B 152 15.89 -14.92 0.53
C TYR B 152 15.39 -15.30 1.94
N LEU B 153 16.32 -15.62 2.84
CA LEU B 153 15.96 -16.07 4.19
C LEU B 153 16.46 -15.14 5.31
N THR B 154 16.12 -13.86 5.23
CA THR B 154 16.50 -12.88 6.25
C THR B 154 16.10 -13.28 7.68
N SER B 155 16.80 -12.75 8.69
CA SER B 155 16.56 -13.10 10.08
C SER B 155 17.03 -12.06 11.10
N ILE B 156 17.43 -10.87 10.65
CA ILE B 156 17.85 -9.73 11.51
C ILE B 156 18.78 -10.05 12.70
N PHE B 157 18.93 -11.34 13.01
CA PHE B 157 19.80 -11.82 14.06
C PHE B 157 20.87 -12.72 13.44
N ASP B 158 20.52 -13.31 12.30
CA ASP B 158 21.41 -14.15 11.50
C ASP B 158 22.57 -13.32 10.94
N HIS B 159 23.25 -13.86 9.93
CA HIS B 159 24.07 -13.03 9.06
C HIS B 159 23.29 -12.70 7.79
N SER B 160 22.25 -13.50 7.51
CA SER B 160 21.64 -13.45 6.19
C SER B 160 20.78 -12.23 5.81
N ILE B 161 20.47 -11.35 6.76
CA ILE B 161 19.91 -10.05 6.41
C ILE B 161 20.89 -9.34 5.49
N TYR B 162 22.18 -9.51 5.82
CA TYR B 162 23.29 -8.86 5.13
C TYR B 162 23.62 -9.54 3.81
N GLU B 163 23.60 -10.88 3.79
CA GLU B 163 23.80 -11.64 2.55
C GLU B 163 22.70 -11.34 1.53
N ALA B 164 21.46 -11.32 2.01
CA ALA B 164 20.33 -10.97 1.15
C ALA B 164 20.49 -9.54 0.64
N PHE B 165 20.65 -8.60 1.57
CA PHE B 165 20.80 -7.20 1.18
C PHE B 165 21.96 -6.98 0.24
N SER B 166 22.92 -7.91 0.24
CA SER B 166 24.06 -7.80 -0.65
C SER B 166 23.69 -8.31 -2.05
N ARG B 167 23.26 -9.57 -2.15
CA ARG B 167 22.85 -10.08 -3.46
C ARG B 167 21.86 -9.11 -4.13
N ILE B 168 21.10 -8.37 -3.31
CA ILE B 168 20.18 -7.33 -3.82
C ILE B 168 20.90 -6.06 -4.23
N VAL B 169 21.46 -5.34 -3.26
CA VAL B 169 22.16 -4.08 -3.51
C VAL B 169 23.29 -4.21 -4.53
N GLN B 170 23.58 -5.45 -4.92
CA GLN B 170 24.65 -5.70 -5.87
C GLN B 170 24.15 -5.69 -7.33
N LYS B 171 22.84 -5.81 -7.52
CA LYS B 171 22.25 -5.84 -8.85
C LYS B 171 21.89 -4.45 -9.30
N LEU B 172 21.75 -3.55 -8.34
CA LEU B 172 21.40 -2.16 -8.58
C LEU B 172 22.67 -1.35 -8.74
N ILE B 173 23.76 -2.06 -9.04
CA ILE B 173 25.07 -1.43 -9.20
C ILE B 173 25.48 -1.25 -10.66
N PRO B 174 25.81 -0.01 -11.04
CA PRO B 174 26.42 0.39 -12.32
C PRO B 174 27.72 -0.36 -12.61
N GLU B 175 27.62 -1.41 -13.42
CA GLU B 175 28.73 -2.30 -13.76
C GLU B 175 29.10 -3.27 -12.65
N LEU B 176 28.13 -4.14 -12.33
CA LEU B 176 28.36 -5.29 -11.46
C LEU B 176 29.24 -6.30 -12.18
N SER B 177 29.13 -6.33 -13.51
CA SER B 177 29.84 -7.29 -14.34
C SER B 177 31.35 -7.09 -14.43
N PHE B 178 31.79 -5.82 -14.44
CA PHE B 178 33.22 -5.59 -14.52
C PHE B 178 33.90 -5.48 -13.16
N LEU B 179 33.13 -5.15 -12.13
CA LEU B 179 33.63 -5.24 -10.75
C LEU B 179 33.84 -6.72 -10.47
N GLU B 180 32.82 -7.50 -10.73
CA GLU B 180 32.91 -8.94 -10.51
C GLU B 180 33.98 -9.59 -11.38
N ASN B 181 34.10 -9.19 -12.64
CA ASN B 181 35.14 -9.78 -13.49
C ASN B 181 36.53 -9.37 -13.01
N LEU B 183 37.50 -8.55 -10.23
CA LEU B 183 37.82 -9.12 -8.94
C LEU B 183 37.73 -10.63 -9.04
N ASP B 184 37.22 -11.10 -10.16
CA ASP B 184 37.15 -12.53 -10.40
C ASP B 184 38.55 -12.99 -10.77
N ASN B 185 38.73 -13.32 -12.05
CA ASN B 185 40.04 -13.78 -12.54
C ASN B 185 41.15 -12.73 -12.38
N LEU B 186 40.79 -11.44 -12.50
CA LEU B 186 41.79 -10.40 -12.37
C LEU B 186 42.47 -10.53 -11.01
N ILE B 187 41.77 -11.16 -10.06
CA ILE B 187 42.40 -11.70 -8.85
C ILE B 187 42.32 -13.24 -8.79
N GLN B 188 42.74 -13.87 -9.89
CA GLN B 188 43.06 -15.31 -9.97
C GLN B 188 44.32 -15.43 -10.83
N HIS B 189 45.01 -14.30 -10.94
CA HIS B 189 46.44 -14.30 -11.15
C HIS B 189 47.08 -14.17 -9.76
N SER B 190 46.61 -15.00 -8.82
CA SER B 190 47.22 -15.15 -7.50
C SER B 190 46.65 -16.30 -6.69
N LYS B 191 47.15 -16.40 -5.45
CA LYS B 191 46.80 -17.49 -4.52
C LYS B 191 45.46 -17.26 -3.77
N ILE B 192 44.96 -16.03 -3.83
CA ILE B 192 43.60 -15.65 -3.43
C ILE B 192 42.55 -16.62 -3.99
N GLU B 193 41.59 -17.03 -3.17
CA GLU B 193 40.58 -17.99 -3.63
C GLU B 193 39.16 -17.50 -3.43
N LYS B 194 39.00 -16.31 -2.85
CA LYS B 194 37.69 -15.70 -2.59
C LYS B 194 37.86 -14.25 -2.14
N ALA B 195 37.17 -13.34 -2.80
CA ALA B 195 37.31 -11.93 -2.45
C ALA B 195 35.96 -11.30 -2.24
N PHE B 196 35.89 -10.29 -1.37
CA PHE B 196 34.67 -9.57 -1.11
C PHE B 196 35.04 -8.11 -0.97
N LEU B 197 34.30 -7.24 -1.63
CA LEU B 197 34.38 -5.82 -1.34
C LEU B 197 33.40 -5.69 -0.21
N PHE B 198 33.44 -4.60 0.55
CA PHE B 198 32.67 -4.55 1.78
C PHE B 198 32.53 -3.13 2.22
N ASP B 199 31.31 -2.67 2.42
CA ASP B 199 31.15 -1.46 3.19
C ASP B 199 31.40 -1.93 4.63
N VAL B 200 32.11 -1.14 5.41
CA VAL B 200 32.50 -1.60 6.74
C VAL B 200 31.49 -1.25 7.81
N ASN B 201 30.87 -0.08 7.69
CA ASN B 201 29.89 0.39 8.69
C ASN B 201 28.58 -0.37 8.62
N SER B 202 28.22 -0.78 7.41
CA SER B 202 27.16 -1.77 7.22
C SER B 202 27.79 -3.14 7.29
N LYS B 203 27.67 -3.92 6.22
CA LYS B 203 28.50 -5.10 6.03
C LYS B 203 28.02 -5.89 4.83
N ILE B 204 27.47 -5.16 3.86
CA ILE B 204 26.94 -5.81 2.67
C ILE B 204 28.03 -5.93 1.64
N TYR B 205 28.16 -7.13 1.09
CA TYR B 205 29.22 -7.36 0.13
C TYR B 205 28.85 -6.76 -1.20
N VAL B 206 29.23 -5.50 -1.36
CA VAL B 206 29.06 -4.74 -2.60
C VAL B 206 29.50 -5.54 -3.86
N SER B 207 30.31 -6.58 -3.68
CA SER B 207 30.56 -7.52 -4.78
C SER B 207 31.31 -8.78 -4.34
N THR B 208 31.40 -9.76 -5.23
CA THR B 208 32.08 -11.01 -4.93
C THR B 208 32.54 -11.69 -6.22
N ASP B 209 33.33 -12.76 -6.09
CA ASP B 209 33.82 -13.50 -7.25
C ASP B 209 32.64 -14.08 -8.03
N SER B 210 32.91 -14.51 -9.26
CA SER B 210 31.87 -15.19 -10.06
C SER B 210 31.62 -16.59 -9.48
N ASN B 211 32.45 -17.00 -8.52
CA ASN B 211 32.18 -18.19 -7.73
C ASN B 211 30.99 -17.94 -6.79
N PRO B 212 29.85 -18.64 -7.03
CA PRO B 212 28.68 -18.51 -6.14
C PRO B 212 29.10 -18.70 -4.68
N VAL B 213 28.53 -17.90 -3.78
CA VAL B 213 29.20 -17.60 -2.51
C VAL B 213 29.44 -18.75 -1.51
N ASP B 214 28.37 -19.22 -0.88
CA ASP B 214 28.43 -19.99 0.37
C ASP B 214 28.62 -19.02 1.55
N ILE B 215 27.62 -18.96 2.42
CA ILE B 215 27.58 -17.95 3.48
C ILE B 215 28.78 -18.04 4.46
N GLN B 216 29.38 -19.23 4.54
CA GLN B 216 30.50 -19.43 5.44
C GLN B 216 31.60 -18.40 5.15
N TYR B 218 31.28 -15.72 3.54
CA TYR B 218 30.78 -14.39 3.83
C TYR B 218 30.91 -14.01 5.31
N GLU B 219 30.72 -14.98 6.21
CA GLU B 219 30.72 -14.65 7.63
C GLU B 219 32.12 -14.31 8.12
N VAL B 220 33.04 -15.22 7.81
CA VAL B 220 34.44 -15.08 8.20
C VAL B 220 34.91 -13.66 7.88
N CYS B 221 34.85 -13.32 6.59
CA CYS B 221 35.26 -12.00 6.13
C CYS B 221 34.56 -10.88 6.92
N SER B 222 33.24 -10.94 7.06
CA SER B 222 32.57 -9.85 7.77
C SER B 222 33.08 -9.85 9.20
N GLU B 223 33.15 -11.03 9.80
CA GLU B 223 33.48 -11.09 11.21
C GLU B 223 34.89 -10.58 11.38
N PHE B 224 35.70 -10.78 10.33
CA PHE B 224 37.09 -10.37 10.33
C PHE B 224 37.18 -8.85 10.31
N ILE B 225 36.24 -8.21 9.62
CA ILE B 225 36.14 -6.76 9.65
C ILE B 225 35.95 -6.29 11.08
N ASP B 226 35.19 -7.07 11.85
CA ASP B 226 34.92 -6.71 13.23
C ASP B 226 36.17 -6.82 14.09
N VAL B 227 36.74 -8.01 14.11
CA VAL B 227 38.01 -8.25 14.78
C VAL B 227 39.09 -7.20 14.43
N THR B 228 39.27 -6.85 13.14
CA THR B 228 40.18 -5.75 12.83
C THR B 228 39.71 -4.39 13.34
N ILE B 229 38.43 -4.07 13.19
CA ILE B 229 37.95 -2.76 13.60
C ILE B 229 37.97 -2.53 15.12
N ASP B 230 37.50 -3.53 15.88
CA ASP B 230 37.51 -3.49 17.35
C ASP B 230 38.92 -3.48 17.97
N LEU B 231 39.87 -4.19 17.38
CA LEU B 231 41.22 -4.23 17.95
C LEU B 231 41.90 -2.90 17.69
N PHE B 232 41.79 -2.44 16.45
CA PHE B 232 42.33 -1.18 16.04
C PHE B 232 41.84 -0.13 17.01
N ASP B 233 40.54 -0.12 17.26
CA ASP B 233 39.94 0.94 18.06
C ASP B 233 40.37 0.93 19.53
N LEU B 234 41.11 -0.10 19.93
CA LEU B 234 41.54 -0.21 21.33
C LEU B 234 42.81 0.61 21.54
N TYR B 235 43.50 0.88 20.44
CA TYR B 235 44.80 1.54 20.46
C TYR B 235 44.91 2.58 19.32
N LYS B 236 44.22 3.71 19.46
CA LYS B 236 44.21 4.74 18.41
C LYS B 236 45.28 5.85 18.61
N ALA B 237 46.37 5.75 17.85
CA ALA B 237 47.51 6.69 17.91
C ALA B 237 48.66 6.26 16.96
N GLU B 258 47.87 -0.46 7.30
CA GLU B 258 47.32 0.66 6.52
C GLU B 258 45.90 1.04 7.03
N LEU B 259 44.89 0.32 6.56
CA LEU B 259 43.92 -0.27 7.48
C LEU B 259 43.89 -1.69 6.96
N GLN B 260 44.80 -2.52 7.44
CA GLN B 260 44.89 -3.85 6.91
C GLN B 260 45.19 -4.82 8.02
N ASN B 261 44.85 -6.07 7.76
CA ASN B 261 44.99 -7.10 8.75
C ASN B 261 45.28 -8.34 7.99
N VAL B 262 46.35 -9.01 8.38
CA VAL B 262 46.62 -10.32 7.84
C VAL B 262 46.47 -11.27 8.98
N SER B 263 45.88 -12.42 8.71
CA SER B 263 45.89 -13.45 9.72
C SER B 263 46.01 -14.82 9.09
N GLN B 264 46.62 -15.75 9.80
CA GLN B 264 46.85 -17.06 9.24
C GLN B 264 46.38 -18.13 10.21
N LEU B 265 45.80 -19.18 9.66
CA LEU B 265 45.25 -20.30 10.41
C LEU B 265 46.27 -21.42 10.39
N ALA B 266 46.11 -22.43 11.22
CA ALA B 266 47.14 -23.46 11.37
C ALA B 266 47.31 -24.39 10.17
N ASN B 267 46.29 -24.47 9.31
CA ASN B 267 46.42 -25.22 8.06
C ASN B 267 47.10 -24.40 6.95
N GLY B 268 47.27 -23.09 7.19
CA GLY B 268 47.91 -22.19 6.23
C GLY B 268 47.04 -21.15 5.52
N VAL B 269 45.71 -21.32 5.57
CA VAL B 269 44.77 -20.39 4.95
C VAL B 269 44.96 -18.99 5.52
N ILE B 270 45.30 -18.03 4.69
CA ILE B 270 45.43 -16.64 5.14
C ILE B 270 44.09 -15.94 4.94
N ILE B 271 43.79 -14.94 5.75
CA ILE B 271 42.60 -14.10 5.58
C ILE B 271 43.15 -12.70 5.58
N TYR B 272 42.77 -11.90 4.60
CA TYR B 272 43.46 -10.64 4.38
C TYR B 272 42.44 -9.53 4.22
N LEU B 273 42.64 -8.39 4.85
CA LEU B 273 41.75 -7.26 4.63
C LEU B 273 42.53 -5.97 4.47
N ARG B 274 42.32 -5.31 3.35
CA ARG B 274 42.97 -4.03 3.07
C ARG B 274 41.91 -3.00 2.77
N GLN B 275 42.20 -1.75 3.10
CA GLN B 275 41.24 -0.66 2.93
C GLN B 275 41.11 -0.26 1.46
N ILE B 277 38.58 2.73 -1.26
CA ILE B 277 38.01 4.08 -1.37
C ILE B 277 36.76 4.31 -0.49
N ARG B 278 36.92 5.16 0.54
CA ARG B 278 35.82 5.61 1.42
C ARG B 278 35.01 4.45 2.05
N GLY B 279 35.45 4.03 3.23
CA GLY B 279 34.75 3.00 4.00
C GLY B 279 34.49 1.70 3.27
N LEU B 280 35.17 1.46 2.14
CA LEU B 280 35.15 0.14 1.53
C LEU B 280 36.43 -0.62 1.92
N ALA B 281 36.44 -1.93 1.69
CA ALA B 281 37.51 -2.77 2.18
C ALA B 281 37.47 -4.08 1.44
N LEU B 282 38.64 -4.58 1.08
CA LEU B 282 38.72 -5.84 0.40
C LEU B 282 39.04 -6.85 1.47
N VAL B 283 38.45 -8.03 1.37
CA VAL B 283 38.70 -9.09 2.32
C VAL B 283 38.80 -10.35 1.48
N ALA B 284 39.84 -11.13 1.65
CA ALA B 284 40.01 -12.22 0.73
C ALA B 284 40.61 -13.39 1.44
N ILE B 285 40.16 -14.59 1.08
CA ILE B 285 40.70 -15.81 1.64
C ILE B 285 41.78 -16.33 0.71
N ILE B 286 43.01 -16.39 1.22
CA ILE B 286 44.17 -16.80 0.43
C ILE B 286 44.55 -18.22 0.77
N ARG B 287 44.61 -19.11 -0.21
CA ARG B 287 45.07 -20.48 0.04
C ARG B 287 46.41 -20.75 -0.62
N PRO B 288 47.47 -20.86 0.20
CA PRO B 288 48.85 -20.99 -0.27
C PRO B 288 49.19 -22.33 -0.92
N ASN B 289 48.32 -23.33 -0.85
CA ASN B 289 48.57 -24.70 -1.35
C ASN B 289 49.96 -25.27 -0.98
N GLY B 290 50.95 -24.40 -0.77
CA GLY B 290 52.29 -24.79 -0.36
C GLY B 290 53.24 -23.62 -0.14
N THR B 291 53.17 -22.62 -1.01
CA THR B 291 54.09 -21.47 -0.99
C THR B 291 54.13 -20.70 0.35
N ASP B 292 55.27 -20.06 0.66
CA ASP B 292 55.41 -19.34 1.94
C ASP B 292 54.38 -18.24 2.05
N GLU B 294 54.97 -14.71 3.02
CA GLU B 294 55.39 -13.41 2.48
C GLU B 294 55.23 -13.32 0.95
N SER B 295 55.44 -14.42 0.24
CA SER B 295 55.28 -14.40 -1.22
C SER B 295 53.84 -14.29 -1.67
N CYS B 296 52.96 -15.12 -1.09
CA CYS B 296 51.50 -15.03 -1.29
C CYS B 296 51.09 -13.60 -1.15
N LEU B 297 51.51 -13.00 -0.04
CA LEU B 297 51.20 -11.61 0.24
C LEU B 297 51.76 -10.60 -0.76
N THR B 298 52.92 -10.91 -1.35
CA THR B 298 53.54 -10.03 -2.34
C THR B 298 52.78 -10.07 -3.68
N VAL B 299 52.59 -11.27 -4.23
CA VAL B 299 51.79 -11.43 -5.45
C VAL B 299 50.36 -10.86 -5.30
N ALA B 300 49.61 -11.41 -4.34
CA ALA B 300 48.33 -10.86 -3.94
C ALA B 300 48.42 -9.34 -3.85
N ASP B 301 49.31 -8.81 -3.04
CA ASP B 301 49.42 -7.36 -2.93
C ASP B 301 49.55 -6.65 -4.28
N TYR B 302 50.26 -7.24 -5.23
CA TYR B 302 50.43 -6.63 -6.56
C TYR B 302 49.10 -6.52 -7.30
N ASN B 303 48.45 -7.68 -7.52
CA ASN B 303 47.12 -7.66 -8.15
C ASN B 303 46.11 -6.76 -7.40
N ILE B 304 46.12 -6.83 -6.07
CA ILE B 304 45.26 -6.00 -5.26
C ILE B 304 45.53 -4.51 -5.51
N ASP B 305 46.78 -4.09 -5.71
CA ASP B 305 47.06 -2.67 -6.04
C ASP B 305 46.46 -2.32 -7.39
N ILE B 306 46.44 -3.33 -8.27
CA ILE B 306 45.77 -3.11 -9.56
C ILE B 306 44.29 -2.87 -9.35
N PHE B 307 43.60 -3.88 -8.81
CA PHE B 307 42.20 -3.75 -8.40
C PHE B 307 41.93 -2.37 -7.80
N LYS B 308 42.72 -1.95 -6.82
CA LYS B 308 42.49 -0.65 -6.18
C LYS B 308 42.52 0.52 -7.16
N LYS B 309 43.44 0.48 -8.12
CA LYS B 309 43.37 1.50 -9.19
C LYS B 309 42.02 1.37 -9.92
N GLY B 310 41.73 0.17 -10.42
CA GLY B 310 40.42 -0.10 -11.01
C GLY B 310 39.21 0.12 -10.10
N LEU B 311 39.45 0.73 -8.94
CA LEU B 311 38.36 1.25 -8.13
C LEU B 311 38.39 2.76 -8.19
N GLU B 312 39.55 3.36 -7.91
CA GLU B 312 39.65 4.82 -7.96
C GLU B 312 39.24 5.40 -9.33
N ASP B 313 39.29 4.58 -10.38
CA ASP B 313 38.72 4.92 -11.69
C ASP B 313 37.20 4.68 -11.65
N ILE B 314 36.48 5.57 -10.96
CA ILE B 314 35.03 5.46 -10.76
C ILE B 314 34.55 6.55 -9.81
N PRO C 1 -19.15 -8.64 0.21
CA PRO C 1 -19.07 -9.94 0.88
C PRO C 1 -20.49 -10.41 1.28
N LEU C 2 -21.25 -9.50 1.89
CA LEU C 2 -22.69 -9.72 2.12
C LEU C 2 -23.51 -8.65 1.39
N GLY C 3 -22.79 -7.77 0.70
CA GLY C 3 -23.38 -6.57 0.10
C GLY C 3 -23.95 -5.64 1.18
N SER C 4 -24.55 -4.53 0.73
CA SER C 4 -25.06 -3.55 1.66
C SER C 4 -26.57 -3.56 1.68
N LYS C 5 -27.14 -3.78 2.87
CA LYS C 5 -28.60 -3.76 3.09
C LYS C 5 -29.03 -2.32 3.31
N LEU C 6 -29.89 -1.84 2.42
CA LEU C 6 -30.54 -0.52 2.50
C LEU C 6 -32.01 -0.81 2.69
N LEU C 7 -32.55 -0.50 3.88
CA LEU C 7 -34.02 -0.53 4.15
C LEU C 7 -34.72 0.75 3.66
N LEU C 8 -35.66 0.60 2.74
CA LEU C 8 -36.42 1.75 2.24
C LEU C 8 -37.80 1.63 2.82
N GLY C 10 -41.45 3.44 4.72
CA GLY C 10 -42.27 4.63 4.85
C GLY C 10 -43.69 4.28 4.46
N ARG C 11 -44.64 5.14 4.80
CA ARG C 11 -46.03 4.72 4.78
C ARG C 11 -46.63 4.71 3.37
N SER C 12 -47.65 3.87 3.12
CA SER C 12 -48.16 3.75 1.77
C SER C 12 -48.33 5.10 1.07
N GLY C 13 -48.05 5.13 -0.23
CA GLY C 13 -48.15 6.36 -1.01
C GLY C 13 -47.01 7.37 -0.92
N SER C 14 -46.09 7.23 0.05
CA SER C 14 -44.96 8.17 0.15
C SER C 14 -44.08 8.20 -1.10
N GLY C 15 -44.15 7.14 -1.90
CA GLY C 15 -43.50 7.16 -3.20
C GLY C 15 -42.10 6.60 -3.13
N LYS C 16 -41.94 5.47 -2.45
CA LYS C 16 -40.67 4.82 -2.26
C LYS C 16 -40.28 4.05 -3.52
N SER C 17 -41.24 3.34 -4.09
CA SER C 17 -40.98 2.59 -5.31
C SER C 17 -40.56 3.55 -6.40
N SER C 18 -41.27 4.66 -6.49
CA SER C 18 -40.93 5.70 -7.46
C SER C 18 -39.42 5.95 -7.49
N ARG C 20 -37.04 4.32 -6.12
CA ARG C 20 -36.24 3.15 -6.40
C ARG C 20 -36.23 2.96 -7.89
N SER C 21 -37.37 3.19 -8.54
CA SER C 21 -37.53 3.10 -10.00
C SER C 21 -36.78 4.13 -10.81
N ILE C 22 -36.78 5.38 -10.34
CA ILE C 22 -36.25 6.49 -11.12
C ILE C 22 -34.72 6.47 -11.10
N ILE C 23 -34.14 6.04 -9.99
CA ILE C 23 -32.70 6.15 -9.88
C ILE C 23 -31.99 4.82 -10.00
N PHE C 24 -32.73 3.70 -10.10
CA PHE C 24 -32.12 2.37 -10.10
C PHE C 24 -32.66 1.44 -11.20
N SER C 25 -33.84 1.75 -11.71
CA SER C 25 -34.44 0.94 -12.73
C SER C 25 -34.73 1.83 -13.92
N ASN C 26 -34.03 2.95 -13.99
CA ASN C 26 -34.18 3.87 -15.10
C ASN C 26 -35.61 4.27 -15.51
N TYR C 27 -36.54 4.30 -14.57
CA TYR C 27 -37.88 4.79 -14.84
C TYR C 27 -37.82 6.29 -15.04
N SER C 28 -38.93 6.85 -15.49
CA SER C 28 -39.11 8.29 -15.65
C SER C 28 -40.15 8.73 -14.64
N ALA C 29 -40.24 10.03 -14.34
CA ALA C 29 -41.20 10.52 -13.35
C ALA C 29 -42.65 10.22 -13.75
N PHE C 30 -42.89 10.17 -15.07
CA PHE C 30 -44.20 9.80 -15.57
C PHE C 30 -44.41 8.30 -15.34
N ASP C 31 -43.56 7.47 -15.95
CA ASP C 31 -43.61 6.01 -15.80
C ASP C 31 -43.99 5.51 -14.40
N THR C 32 -43.78 6.32 -13.35
CA THR C 32 -44.02 5.88 -11.96
C THR C 32 -45.48 5.76 -11.53
N ARG C 33 -46.40 6.26 -12.35
CA ARG C 33 -47.82 6.30 -11.94
C ARG C 33 -48.48 4.93 -12.05
N ARG C 34 -48.00 4.13 -13.00
CA ARG C 34 -48.45 2.76 -13.26
C ARG C 34 -47.90 1.73 -12.28
N LEU C 35 -47.41 2.22 -11.13
CA LEU C 35 -46.48 1.46 -10.30
C LEU C 35 -47.07 0.31 -9.49
N GLY C 36 -48.29 0.48 -8.99
CA GLY C 36 -48.87 -0.52 -8.12
C GLY C 36 -48.33 -0.41 -6.70
N ALA C 37 -49.10 -0.84 -5.72
CA ALA C 37 -48.63 -0.86 -4.34
C ALA C 37 -47.79 -2.12 -4.10
N THR C 38 -46.70 -1.97 -3.34
CA THR C 38 -45.76 -3.05 -3.11
C THR C 38 -46.27 -3.98 -2.03
N ILE C 39 -46.31 -5.28 -2.32
CA ILE C 39 -46.63 -6.28 -1.29
C ILE C 39 -45.40 -6.72 -0.51
N ASP C 40 -45.40 -6.51 0.80
CA ASP C 40 -44.25 -6.90 1.61
C ASP C 40 -43.02 -6.31 0.94
N VAL C 41 -41.83 -6.84 1.23
CA VAL C 41 -40.61 -6.27 0.63
C VAL C 41 -40.43 -6.60 -0.87
N GLU C 42 -39.82 -5.66 -1.60
CA GLU C 42 -39.46 -5.91 -2.97
C GLU C 42 -37.97 -5.65 -3.12
N HIS C 43 -37.21 -6.70 -3.49
CA HIS C 43 -35.77 -6.55 -3.48
C HIS C 43 -35.24 -6.12 -4.83
N SER C 44 -34.21 -5.30 -4.77
CA SER C 44 -33.48 -4.90 -5.94
C SER C 44 -32.02 -5.07 -5.58
N HIS C 45 -31.20 -5.34 -6.58
CA HIS C 45 -29.82 -5.68 -6.31
C HIS C 45 -29.11 -4.90 -7.38
N LEU C 46 -27.98 -4.31 -7.04
CA LEU C 46 -27.13 -3.85 -8.12
C LEU C 46 -25.71 -3.49 -7.77
N ARG C 47 -24.80 -3.89 -8.64
CA ARG C 47 -23.42 -3.55 -8.46
C ARG C 47 -23.34 -2.03 -8.57
N PHE C 48 -22.49 -1.44 -7.76
CA PHE C 48 -22.27 -0.02 -7.80
C PHE C 48 -20.75 0.10 -7.61
N LEU C 49 -20.07 0.93 -8.40
CA LEU C 49 -18.62 1.06 -8.27
C LEU C 49 -17.85 -0.27 -8.23
N GLY C 50 -16.66 -0.26 -7.60
CA GLY C 50 -15.79 -1.42 -7.42
C GLY C 50 -16.51 -2.75 -7.59
N ASN C 51 -17.01 -3.32 -6.49
CA ASN C 51 -18.22 -4.16 -6.59
C ASN C 51 -19.05 -4.30 -5.31
N THR C 53 -22.17 -4.44 -3.91
CA THR C 53 -23.55 -4.77 -4.19
C THR C 53 -24.41 -3.81 -3.31
N LEU C 54 -25.49 -3.29 -3.87
CA LEU C 54 -26.48 -2.58 -3.09
C LEU C 54 -27.74 -3.40 -3.13
N ASN C 55 -28.17 -3.87 -1.96
CA ASN C 55 -29.44 -4.54 -1.81
C ASN C 55 -30.58 -3.62 -1.34
N LEU C 56 -31.35 -3.08 -2.27
CA LEU C 56 -32.46 -2.23 -1.92
C LEU C 56 -33.64 -3.06 -1.42
N TRP C 57 -33.95 -2.91 -0.14
CA TRP C 57 -35.17 -3.52 0.36
C TRP C 57 -36.31 -2.53 0.39
N ASP C 58 -37.15 -2.58 -0.63
CA ASP C 58 -38.27 -1.64 -0.68
C ASP C 58 -39.48 -2.19 0.06
N CYS C 59 -39.64 -1.82 1.35
CA CYS C 59 -40.73 -2.35 2.21
C CYS C 59 -42.09 -1.70 2.02
N GLY C 60 -43.01 -2.44 1.41
CA GLY C 60 -44.32 -1.91 1.13
C GLY C 60 -44.84 -1.31 2.41
N GLY C 61 -45.42 -0.12 2.30
CA GLY C 61 -45.85 0.63 3.47
C GLY C 61 -47.24 0.45 4.07
N GLN C 62 -48.07 -0.46 3.58
CA GLN C 62 -49.39 -0.55 4.19
C GLN C 62 -49.27 -1.10 5.60
N ASP C 63 -50.17 -0.67 6.49
CA ASP C 63 -50.10 -0.99 7.92
C ASP C 63 -49.94 -2.47 8.18
N VAL C 64 -50.73 -3.26 7.44
CA VAL C 64 -50.68 -4.72 7.47
C VAL C 64 -49.22 -5.18 7.46
N PHE C 65 -48.54 -4.84 6.36
CA PHE C 65 -47.13 -5.15 6.16
C PHE C 65 -46.24 -4.60 7.27
N GLU C 67 -47.05 -4.14 10.33
CA GLU C 67 -47.18 -4.84 11.60
C GLU C 67 -46.21 -6.00 11.56
N ASN C 68 -46.02 -6.59 10.36
CA ASN C 68 -45.05 -7.68 10.22
C ASN C 68 -43.63 -7.26 10.42
N TYR C 69 -43.24 -6.15 9.79
CA TYR C 69 -41.86 -5.69 9.92
C TYR C 69 -41.52 -5.53 11.41
N PHE C 70 -42.44 -5.00 12.20
CA PHE C 70 -42.12 -4.70 13.60
C PHE C 70 -42.31 -5.89 14.55
N THR C 71 -42.83 -7.00 14.03
CA THR C 71 -43.13 -8.17 14.88
C THR C 71 -42.64 -9.58 14.37
N LYS C 72 -43.36 -10.16 13.41
CA LYS C 72 -43.03 -11.48 12.88
C LYS C 72 -41.73 -11.55 12.07
N GLN C 73 -41.36 -10.43 11.44
CA GLN C 73 -40.11 -10.31 10.69
C GLN C 73 -39.09 -9.32 11.27
N LYS C 74 -39.08 -9.06 12.59
CA LYS C 74 -38.11 -8.14 13.18
C LYS C 74 -36.74 -8.53 12.69
N ASP C 75 -36.37 -9.79 12.90
CA ASP C 75 -35.01 -10.30 12.58
C ASP C 75 -34.65 -10.13 11.11
N HIS C 76 -35.49 -10.71 10.24
CA HIS C 76 -35.31 -10.67 8.80
C HIS C 76 -35.01 -9.26 8.35
N ILE C 77 -35.77 -8.32 8.90
CA ILE C 77 -35.73 -6.94 8.40
C ILE C 77 -34.54 -6.14 8.97
N PHE C 78 -34.36 -6.22 10.28
CA PHE C 78 -33.48 -5.26 10.94
C PHE C 78 -32.05 -5.74 11.22
N GLN C 79 -31.84 -7.04 11.16
CA GLN C 79 -30.50 -7.55 11.30
C GLN C 79 -29.73 -7.08 10.09
N VAL C 81 -28.67 -4.33 8.77
CA VAL C 81 -28.94 -3.13 8.00
C VAL C 81 -27.73 -2.21 8.01
N GLN C 82 -27.39 -1.66 6.84
CA GLN C 82 -26.34 -0.64 6.73
C GLN C 82 -26.86 0.79 6.61
N VAL C 83 -27.96 0.97 5.89
CA VAL C 83 -28.65 2.25 5.89
C VAL C 83 -30.17 2.07 6.05
N LEU C 84 -30.82 2.99 6.77
CA LEU C 84 -32.28 3.12 6.80
C LEU C 84 -32.61 4.41 6.09
N ILE C 85 -33.49 4.34 5.10
CA ILE C 85 -33.88 5.54 4.38
C ILE C 85 -35.37 5.62 4.56
N HIS C 86 -35.82 6.58 5.38
CA HIS C 86 -37.23 6.64 5.73
C HIS C 86 -37.83 7.78 4.96
N VAL C 87 -38.88 7.50 4.19
CA VAL C 87 -39.49 8.57 3.41
C VAL C 87 -40.88 8.95 3.91
N PHE C 88 -41.10 10.27 3.99
CA PHE C 88 -42.30 10.88 4.56
C PHE C 88 -43.11 11.57 3.46
N ASP C 89 -44.41 11.31 3.36
CA ASP C 89 -45.23 12.14 2.48
C ASP C 89 -45.57 13.50 3.17
N VAL C 90 -45.31 14.61 2.48
CA VAL C 90 -45.54 15.93 3.05
C VAL C 90 -46.98 16.38 2.83
N GLU C 91 -47.62 15.82 1.81
CA GLU C 91 -49.07 15.96 1.66
C GLU C 91 -49.81 14.97 2.62
N SER C 92 -49.13 14.49 3.65
CA SER C 92 -49.73 13.44 4.46
C SER C 92 -50.56 13.96 5.57
N THR C 93 -51.74 13.33 5.68
CA THR C 93 -52.76 13.56 6.69
C THR C 93 -52.31 13.23 8.10
N GLU C 94 -51.64 12.08 8.25
CA GLU C 94 -51.23 11.60 9.56
C GLU C 94 -49.77 11.84 9.94
N VAL C 95 -49.26 13.05 9.79
CA VAL C 95 -47.89 13.32 10.26
C VAL C 95 -47.52 12.58 11.55
N LEU C 96 -48.07 13.01 12.66
CA LEU C 96 -47.79 12.36 13.96
C LEU C 96 -47.66 10.81 13.92
N LYS C 97 -48.52 10.17 13.14
CA LYS C 97 -48.57 8.72 13.08
C LYS C 97 -47.29 8.22 12.38
N ASP C 98 -47.03 8.82 11.21
CA ASP C 98 -45.81 8.66 10.45
C ASP C 98 -44.58 8.79 11.34
N ILE C 99 -44.43 9.93 12.01
CA ILE C 99 -43.27 10.11 12.89
C ILE C 99 -43.24 8.96 13.92
N GLU C 100 -44.42 8.41 14.20
CA GLU C 100 -44.45 7.32 15.16
C GLU C 100 -43.80 6.05 14.61
N ILE C 101 -44.23 5.62 13.41
CA ILE C 101 -43.66 4.38 12.83
C ILE C 101 -42.18 4.54 12.49
N PHE C 102 -41.78 5.75 12.12
CA PHE C 102 -40.35 6.05 12.08
C PHE C 102 -39.76 5.62 13.42
N ALA C 103 -40.27 6.19 14.52
CA ALA C 103 -39.68 5.86 15.80
C ALA C 103 -39.66 4.34 16.04
N LYS C 104 -40.73 3.64 15.67
CA LYS C 104 -40.76 2.20 15.90
C LYS C 104 -39.55 1.56 15.22
N ALA C 105 -39.41 1.87 13.93
CA ALA C 105 -38.28 1.41 13.12
C ALA C 105 -36.92 1.76 13.75
N LEU C 106 -36.69 3.00 14.14
CA LEU C 106 -35.45 3.34 14.84
C LEU C 106 -35.22 2.39 16.03
N LYS C 107 -36.31 2.02 16.70
CA LYS C 107 -36.21 1.14 17.85
C LYS C 107 -35.64 -0.22 17.47
N GLN C 108 -36.26 -0.88 16.48
CA GLN C 108 -35.71 -2.17 16.03
C GLN C 108 -34.27 -2.04 15.53
N LEU C 109 -34.00 -1.00 14.74
CA LEU C 109 -32.64 -0.73 14.27
C LEU C 109 -31.65 -0.68 15.43
N ARG C 110 -32.06 -0.09 16.55
CA ARG C 110 -31.15 0.03 17.70
C ARG C 110 -30.91 -1.32 18.38
N LYS C 111 -31.96 -2.13 18.51
CA LYS C 111 -31.79 -3.50 19.02
C LYS C 111 -30.83 -4.29 18.11
N TYR C 112 -31.11 -4.30 16.80
CA TYR C 112 -30.48 -5.26 15.89
C TYR C 112 -29.33 -4.72 15.03
N SER C 113 -29.43 -3.47 14.58
CA SER C 113 -28.41 -2.86 13.75
C SER C 113 -27.97 -1.45 14.21
N PRO C 114 -27.48 -1.33 15.44
CA PRO C 114 -27.20 0.01 16.00
C PRO C 114 -26.21 0.82 15.16
N ASP C 115 -25.32 0.15 14.42
CA ASP C 115 -24.36 0.80 13.51
C ASP C 115 -24.93 1.39 12.21
N ALA C 116 -26.22 1.19 11.98
CA ALA C 116 -26.90 1.64 10.77
C ALA C 116 -26.77 3.17 10.54
N LYS C 117 -26.84 3.61 9.28
CA LYS C 117 -26.89 5.04 8.98
C LYS C 117 -28.32 5.47 8.65
N ILE C 118 -28.80 6.58 9.20
CA ILE C 118 -30.19 6.97 8.97
C ILE C 118 -30.25 8.18 8.08
N PHE C 119 -31.13 8.13 7.07
CA PHE C 119 -31.44 9.31 6.23
C PHE C 119 -32.94 9.37 6.13
N VAL C 120 -33.48 10.60 6.06
CA VAL C 120 -34.91 10.79 5.95
C VAL C 120 -35.18 11.75 4.82
N LEU C 121 -36.27 11.48 4.10
CA LEU C 121 -36.63 12.28 2.94
C LEU C 121 -38.06 12.84 3.08
N LEU C 122 -38.15 14.17 2.96
CA LEU C 122 -39.43 14.81 2.95
C LEU C 122 -39.91 14.84 1.50
N HIS C 123 -40.81 13.95 1.13
CA HIS C 123 -41.03 13.70 -0.28
C HIS C 123 -42.32 14.27 -0.86
N LYS C 124 -42.35 14.48 -2.18
CA LYS C 124 -43.50 15.00 -2.88
C LYS C 124 -43.52 16.49 -2.62
N ASP C 126 -43.08 18.84 -4.30
CA ASP C 126 -43.51 19.69 -5.43
C ASP C 126 -45.00 20.04 -5.34
N LEU C 127 -45.70 19.35 -4.43
CA LEU C 127 -47.09 19.62 -4.08
C LEU C 127 -47.24 20.77 -3.07
N VAL C 128 -46.14 21.26 -2.51
CA VAL C 128 -46.13 22.51 -1.74
C VAL C 128 -45.90 23.66 -2.75
N GLN C 129 -45.37 24.78 -2.30
CA GLN C 129 -45.00 25.89 -3.19
C GLN C 129 -43.79 26.62 -2.61
N LEU C 130 -43.04 27.31 -3.46
CA LEU C 130 -41.70 27.75 -3.05
C LEU C 130 -41.67 28.42 -1.68
N ASP C 131 -42.51 29.45 -1.51
CA ASP C 131 -42.49 30.22 -0.28
C ASP C 131 -43.04 29.43 0.91
N LYS C 132 -42.92 28.11 0.88
CA LYS C 132 -43.40 27.27 1.99
C LYS C 132 -42.46 26.10 2.37
N ARG C 133 -41.74 25.55 1.37
CA ARG C 133 -40.97 24.32 1.57
C ARG C 133 -39.80 24.49 2.54
N GLU C 134 -39.07 25.59 2.42
CA GLU C 134 -37.99 25.82 3.36
C GLU C 134 -38.44 25.70 4.83
N GLU C 135 -39.62 26.24 5.16
CA GLU C 135 -40.11 26.17 6.55
C GLU C 135 -40.76 24.83 6.90
N LEU C 136 -41.60 24.30 6.00
CA LEU C 136 -42.13 22.96 6.22
C LEU C 136 -40.96 22.05 6.62
N PHE C 137 -40.02 21.84 5.69
CA PHE C 137 -38.81 21.05 5.92
C PHE C 137 -38.08 21.41 7.24
N GLN C 138 -37.74 22.68 7.39
CA GLN C 138 -37.02 23.11 8.60
C GLN C 138 -37.72 22.71 9.91
N ILE C 139 -39.05 22.79 9.92
CA ILE C 139 -39.89 22.48 11.09
C ILE C 139 -39.85 20.98 11.36
N LYS C 142 -36.67 19.46 12.62
CA LYS C 142 -36.55 19.70 14.06
C LYS C 142 -37.09 18.51 14.82
N ASN C 143 -38.24 18.03 14.37
CA ASN C 143 -38.91 16.89 15.01
C ASN C 143 -38.19 15.56 14.81
N LEU C 144 -37.98 15.18 13.54
CA LEU C 144 -37.35 13.90 13.22
C LEU C 144 -35.97 13.89 13.84
N SER C 145 -35.26 15.02 13.79
CA SER C 145 -33.91 15.04 14.32
C SER C 145 -33.85 14.62 15.81
N GLU C 146 -34.78 15.14 16.62
CA GLU C 146 -34.90 14.79 18.05
C GLU C 146 -35.41 13.36 18.27
N THR C 147 -36.43 12.97 17.50
CA THR C 147 -36.99 11.62 17.58
C THR C 147 -35.96 10.55 17.29
N SER C 148 -35.11 10.86 16.31
CA SER C 148 -33.97 10.03 15.89
C SER C 148 -32.90 9.99 16.95
N SER C 149 -32.44 11.15 17.41
CA SER C 149 -31.47 11.21 18.50
C SER C 149 -31.90 10.39 19.71
N GLU C 150 -33.19 10.42 20.01
CA GLU C 150 -33.65 9.77 21.24
C GLU C 150 -33.56 8.27 21.13
N PHE C 151 -33.31 7.76 19.92
CA PHE C 151 -33.23 6.30 19.71
C PHE C 151 -31.82 5.74 19.50
N GLY C 152 -30.82 6.59 19.61
CA GLY C 152 -29.44 6.16 19.54
C GLY C 152 -28.77 6.77 18.33
N PHE C 153 -29.60 7.39 17.48
CA PHE C 153 -29.21 7.77 16.13
C PHE C 153 -29.09 9.27 15.94
N PRO C 154 -27.99 9.87 16.43
CA PRO C 154 -27.81 11.33 16.42
C PRO C 154 -27.49 11.90 15.05
N ASN C 155 -27.50 13.22 14.95
CA ASN C 155 -27.21 13.93 13.70
C ASN C 155 -27.82 13.25 12.48
N LEU C 156 -29.13 13.45 12.31
CA LEU C 156 -29.85 12.88 11.20
C LEU C 156 -29.53 13.67 9.94
N ILE C 157 -29.52 13.02 8.79
CA ILE C 157 -29.47 13.76 7.55
C ILE C 157 -30.78 13.61 6.83
N GLY C 158 -31.39 14.74 6.48
CA GLY C 158 -32.61 14.68 5.71
C GLY C 158 -32.49 15.52 4.47
N PHE C 159 -33.39 15.28 3.51
CA PHE C 159 -33.37 15.99 2.24
C PHE C 159 -34.80 16.27 1.87
N PRO C 160 -35.05 17.39 1.16
CA PRO C 160 -36.37 17.65 0.59
C PRO C 160 -36.39 17.25 -0.86
N THR C 161 -37.14 16.22 -1.19
CA THR C 161 -36.96 15.54 -2.46
C THR C 161 -38.24 15.63 -3.29
N SER C 162 -38.10 15.49 -4.61
CA SER C 162 -39.27 15.40 -5.46
C SER C 162 -38.99 14.62 -6.75
N ILE C 163 -40.04 14.03 -7.31
CA ILE C 163 -39.92 13.25 -8.52
C ILE C 163 -39.75 14.15 -9.77
N TRP C 164 -40.09 15.44 -9.62
CA TRP C 164 -40.19 16.35 -10.76
C TRP C 164 -39.09 17.43 -10.79
N ASP C 165 -38.04 17.24 -9.99
CA ASP C 165 -36.84 18.07 -10.09
C ASP C 165 -35.59 17.20 -9.81
N GLU C 166 -34.42 17.80 -9.65
CA GLU C 166 -33.16 17.05 -9.51
C GLU C 166 -32.88 16.54 -8.12
N SER C 167 -33.73 16.88 -7.16
CA SER C 167 -33.43 16.62 -5.76
C SER C 167 -33.22 15.15 -5.37
N LEU C 168 -33.91 14.21 -6.02
CA LEU C 168 -33.68 12.78 -5.76
C LEU C 168 -32.19 12.47 -5.98
N TYR C 169 -31.61 13.01 -7.05
CA TYR C 169 -30.16 12.87 -7.27
C TYR C 169 -29.31 13.43 -6.11
N LYS C 170 -29.59 14.63 -5.59
CA LYS C 170 -28.73 15.09 -4.51
C LYS C 170 -28.81 14.13 -3.35
N ALA C 171 -29.94 13.44 -3.22
CA ALA C 171 -30.24 12.65 -2.02
C ALA C 171 -29.56 11.31 -2.09
N TRP C 172 -29.91 10.51 -3.10
CA TRP C 172 -29.29 9.22 -3.26
C TRP C 172 -27.75 9.28 -3.51
N SER C 173 -27.26 10.25 -4.28
CA SER C 173 -25.81 10.44 -4.31
C SER C 173 -25.27 10.42 -2.89
N GLN C 174 -25.82 11.24 -1.99
CA GLN C 174 -25.26 11.30 -0.63
C GLN C 174 -25.53 10.03 0.11
N ILE C 175 -26.69 9.44 -0.14
CA ILE C 175 -27.04 8.22 0.57
C ILE C 175 -26.08 7.10 0.19
N VAL C 176 -25.98 6.79 -1.10
CA VAL C 176 -25.06 5.76 -1.60
C VAL C 176 -23.56 6.04 -1.41
N CYS C 177 -23.09 7.26 -1.68
CA CYS C 177 -21.70 7.63 -1.40
C CYS C 177 -21.30 7.36 0.04
N SER C 178 -22.21 7.58 0.96
CA SER C 178 -21.89 7.34 2.35
C SER C 178 -21.35 5.92 2.54
N LEU C 179 -21.62 5.03 1.58
CA LEU C 179 -21.30 3.61 1.75
C LEU C 179 -19.98 3.22 1.07
N ILE C 180 -19.47 4.13 0.24
CA ILE C 180 -18.19 3.95 -0.40
C ILE C 180 -17.06 4.08 0.61
N PRO C 181 -16.21 3.03 0.68
CA PRO C 181 -15.02 2.99 1.56
C PRO C 181 -13.82 3.74 0.99
N ASN C 182 -13.59 3.58 -0.31
CA ASN C 182 -12.38 4.11 -0.92
C ASN C 182 -12.45 5.59 -1.20
N SER C 184 -11.38 8.31 0.33
CA SER C 184 -10.07 8.94 0.48
C SER C 184 -9.35 8.95 -0.86
N ASN C 185 -9.21 7.76 -1.45
CA ASN C 185 -8.52 7.59 -2.73
C ASN C 185 -9.11 8.46 -3.85
N HIS C 186 -10.38 8.22 -4.15
CA HIS C 186 -10.99 8.82 -5.31
C HIS C 186 -10.81 10.31 -5.29
N GLN C 187 -11.00 10.93 -4.12
CA GLN C 187 -10.90 12.38 -4.06
C GLN C 187 -9.50 12.86 -4.40
N SER C 188 -8.50 12.10 -3.96
CA SER C 188 -7.09 12.44 -4.21
C SER C 188 -6.69 12.27 -5.70
N ASN C 189 -6.86 11.06 -6.23
CA ASN C 189 -6.68 10.86 -7.66
C ASN C 189 -7.44 11.91 -8.50
N LEU C 190 -8.62 12.31 -8.02
CA LEU C 190 -9.43 13.29 -8.71
C LEU C 190 -8.81 14.67 -8.64
N LYS C 191 -8.26 15.02 -7.49
CA LYS C 191 -7.62 16.32 -7.35
C LYS C 191 -6.41 16.39 -8.28
N LYS C 192 -5.64 15.30 -8.32
CA LYS C 192 -4.41 15.26 -9.12
C LYS C 192 -4.77 15.26 -10.61
N PHE C 193 -5.91 14.68 -10.92
CA PHE C 193 -6.44 14.66 -12.27
C PHE C 193 -6.92 16.06 -12.64
N LYS C 194 -7.37 16.83 -11.64
CA LYS C 194 -7.85 18.18 -11.92
C LYS C 194 -6.68 19.12 -12.16
N GLU C 195 -5.65 18.98 -11.34
CA GLU C 195 -4.42 19.78 -11.48
C GLU C 195 -3.70 19.44 -12.80
N ILE C 196 -3.56 18.15 -13.11
CA ILE C 196 -2.97 17.76 -14.38
C ILE C 196 -3.66 18.50 -15.52
N ASN C 198 -5.52 21.31 -15.23
CA ASN C 198 -5.86 22.69 -14.93
C ASN C 198 -7.35 22.88 -15.17
N ALA C 199 -8.15 21.90 -14.73
CA ALA C 199 -9.58 21.94 -14.94
C ALA C 199 -10.23 22.94 -14.02
N LEU C 200 -11.27 23.63 -14.51
CA LEU C 200 -12.07 24.49 -13.64
C LEU C 200 -12.81 23.62 -12.63
N GLU C 201 -13.19 22.42 -13.04
CA GLU C 201 -13.52 21.34 -12.08
C GLU C 201 -13.80 19.98 -12.73
N ILE C 202 -13.70 18.91 -11.97
CA ILE C 202 -14.00 17.59 -12.50
C ILE C 202 -14.97 16.86 -11.57
N ILE C 203 -15.93 16.15 -12.15
CA ILE C 203 -16.91 15.45 -11.35
C ILE C 203 -16.90 13.98 -11.74
N LEU C 204 -16.91 13.11 -10.74
CA LEU C 204 -16.96 11.68 -10.97
C LEU C 204 -18.37 11.20 -10.62
N PHE C 205 -19.06 10.63 -11.61
CA PHE C 205 -20.39 10.06 -11.43
C PHE C 205 -20.35 8.54 -11.61
N GLU C 206 -21.11 7.77 -10.84
CA GLU C 206 -21.12 6.33 -11.08
C GLU C 206 -21.78 6.16 -12.42
N ARG C 207 -21.35 5.19 -13.22
CA ARG C 207 -21.76 5.20 -14.65
C ARG C 207 -23.19 4.74 -14.90
N THR C 208 -23.60 3.70 -14.21
CA THR C 208 -24.91 3.11 -14.48
C THR C 208 -26.12 3.96 -14.01
N THR C 209 -25.97 4.65 -12.87
CA THR C 209 -27.07 5.44 -12.32
C THR C 209 -26.86 6.94 -12.51
N PHE C 210 -25.61 7.34 -12.62
CA PHE C 210 -25.23 8.75 -12.73
C PHE C 210 -25.31 9.56 -11.42
N LEU C 211 -25.45 8.85 -10.31
CA LEU C 211 -25.23 9.44 -8.99
C LEU C 211 -23.84 10.08 -8.90
N VAL C 212 -23.72 11.28 -8.34
CA VAL C 212 -22.40 11.89 -8.16
C VAL C 212 -21.57 11.14 -7.09
N ILE C 213 -20.36 10.72 -7.45
CA ILE C 213 -19.44 10.07 -6.51
C ILE C 213 -18.59 11.11 -5.82
N CYS C 214 -17.83 11.90 -6.58
CA CYS C 214 -17.19 13.04 -5.91
C CYS C 214 -16.81 14.15 -6.83
N SER C 215 -16.33 15.24 -6.27
CA SER C 215 -16.09 16.43 -7.07
C SER C 215 -14.88 17.26 -6.60
N SER C 216 -14.13 17.75 -7.58
CA SER C 216 -12.84 18.43 -7.38
C SER C 216 -12.86 19.85 -6.74
N ASN C 217 -13.95 20.59 -6.92
CA ASN C 217 -14.11 21.92 -6.30
C ASN C 217 -15.43 22.12 -5.54
N LEU C 235 -21.13 29.76 -9.13
CA LEU C 235 -21.57 28.55 -9.84
C LEU C 235 -22.81 27.95 -9.16
N ASP C 236 -23.88 27.77 -9.93
CA ASP C 236 -25.09 27.08 -9.46
C ASP C 236 -24.75 25.88 -8.59
N PRO C 237 -25.08 25.94 -7.30
CA PRO C 237 -24.54 24.98 -6.31
C PRO C 237 -25.28 23.65 -6.23
N LYS C 238 -26.29 23.48 -7.08
CA LYS C 238 -26.96 22.21 -7.25
C LYS C 238 -26.63 21.68 -8.63
N ARG C 239 -25.52 22.14 -9.19
CA ARG C 239 -25.13 21.76 -10.54
C ARG C 239 -24.85 20.26 -10.67
N PHE C 240 -24.35 19.63 -9.62
CA PHE C 240 -24.07 18.19 -9.70
C PHE C 240 -25.33 17.38 -10.03
N GLU C 241 -26.39 17.56 -9.23
CA GLU C 241 -27.62 16.81 -9.39
C GLU C 241 -28.31 17.17 -10.71
N LYS C 242 -28.22 18.44 -11.09
CA LYS C 242 -28.72 18.84 -12.38
C LYS C 242 -28.01 18.08 -13.52
N ILE C 243 -26.69 17.90 -13.42
CA ILE C 243 -25.98 17.09 -14.41
C ILE C 243 -26.46 15.64 -14.38
N SER C 244 -26.55 15.04 -13.20
CA SER C 244 -27.06 13.68 -13.14
C SER C 244 -28.33 13.63 -13.95
N ASN C 245 -29.11 14.71 -13.88
CA ASN C 245 -30.46 14.70 -14.46
C ASN C 245 -30.41 14.80 -15.97
N ILE C 246 -29.70 15.81 -16.47
CA ILE C 246 -29.51 15.96 -17.91
C ILE C 246 -28.88 14.71 -18.57
N LYS C 248 -29.09 11.63 -17.31
CA LYS C 248 -30.02 10.53 -17.27
C LYS C 248 -31.05 10.66 -18.40
N ASN C 249 -31.59 11.87 -18.57
CA ASN C 249 -32.48 12.09 -19.72
C ASN C 249 -31.77 11.70 -21.00
N PHE C 250 -30.57 12.22 -21.21
CA PHE C 250 -29.82 11.90 -22.40
C PHE C 250 -29.56 10.40 -22.56
N LYS C 251 -29.11 9.72 -21.53
CA LYS C 251 -28.91 8.29 -21.62
C LYS C 251 -30.15 7.67 -22.21
N GLN C 252 -31.30 7.98 -21.62
CA GLN C 252 -32.53 7.33 -22.10
C GLN C 252 -32.79 7.66 -23.56
N SER C 253 -32.65 8.93 -23.90
CA SER C 253 -32.74 9.38 -25.29
C SER C 253 -31.81 8.59 -26.26
N CYS C 254 -30.56 8.35 -25.87
CA CYS C 254 -29.66 7.46 -26.62
C CYS C 254 -30.12 6.00 -26.66
N THR C 255 -31.03 5.62 -25.79
CA THR C 255 -31.62 4.28 -25.95
C THR C 255 -32.31 4.17 -27.32
N LYS C 256 -32.69 5.30 -27.90
CA LYS C 256 -33.41 5.31 -29.17
C LYS C 256 -32.53 4.78 -30.30
N LEU C 257 -31.30 5.30 -30.38
CA LEU C 257 -30.33 4.86 -31.39
C LEU C 257 -29.79 3.46 -31.12
N LYS C 258 -30.12 2.91 -29.95
CA LYS C 258 -29.76 1.53 -29.57
C LYS C 258 -28.25 1.30 -29.27
N SER C 259 -27.70 2.12 -28.39
CA SER C 259 -26.34 1.97 -27.85
C SER C 259 -26.11 3.13 -26.90
N GLY C 260 -25.15 2.99 -25.99
CA GLY C 260 -25.10 3.86 -24.83
C GLY C 260 -24.00 4.89 -24.78
N PHE C 261 -24.38 6.12 -24.44
CA PHE C 261 -23.42 7.21 -24.31
C PHE C 261 -21.99 6.79 -23.89
N LYS C 262 -20.99 7.27 -24.64
CA LYS C 262 -19.57 7.10 -24.28
C LYS C 262 -18.83 8.43 -24.09
N THR C 263 -18.96 9.34 -25.04
CA THR C 263 -18.30 10.62 -24.84
C THR C 263 -19.18 11.78 -25.23
N LEU C 264 -18.79 12.98 -24.85
CA LEU C 264 -19.45 14.18 -25.31
C LEU C 264 -18.51 15.34 -25.05
N ILE C 265 -18.37 16.21 -26.05
CA ILE C 265 -17.53 17.37 -25.96
C ILE C 265 -18.44 18.51 -26.29
N LEU C 266 -18.46 19.50 -25.43
CA LEU C 266 -19.36 20.62 -25.63
C LEU C 266 -18.54 21.88 -25.82
N ASN C 267 -18.73 22.51 -26.96
CA ASN C 267 -17.81 23.54 -27.38
C ASN C 267 -16.47 22.81 -27.36
N ASN C 268 -15.47 23.41 -26.73
CA ASN C 268 -14.20 22.72 -26.59
C ASN C 268 -13.74 22.74 -25.16
N ASN C 269 -14.66 23.09 -24.25
CA ASN C 269 -14.32 23.18 -22.85
C ASN C 269 -15.13 22.33 -21.86
N ILE C 270 -15.88 21.34 -22.33
CA ILE C 270 -16.61 20.43 -21.42
C ILE C 270 -16.56 19.01 -21.94
N TYR C 271 -15.89 18.13 -21.23
CA TYR C 271 -15.77 16.77 -21.74
C TYR C 271 -16.44 15.83 -20.76
N VAL C 272 -17.42 15.08 -21.23
CA VAL C 272 -18.01 14.00 -20.46
C VAL C 272 -17.53 12.74 -21.13
N SER C 273 -16.90 11.85 -20.39
CA SER C 273 -16.16 10.76 -20.99
C SER C 273 -16.34 9.61 -20.03
N GLU C 274 -16.66 8.43 -20.54
CA GLU C 274 -16.69 7.25 -19.69
C GLU C 274 -15.26 6.80 -19.37
N LEU C 275 -14.93 6.60 -18.08
CA LEU C 275 -13.64 6.03 -17.66
C LEU C 275 -13.59 4.50 -17.60
N SER C 276 -14.71 3.86 -17.27
CA SER C 276 -14.72 2.40 -17.18
C SER C 276 -16.13 1.94 -17.04
N SER C 277 -16.31 0.63 -16.83
CA SER C 277 -17.65 0.07 -16.72
C SER C 277 -18.30 0.54 -15.39
N ASN C 278 -17.57 1.40 -14.70
CA ASN C 278 -17.96 1.84 -13.39
C ASN C 278 -18.16 3.35 -13.28
N VAL C 280 -17.79 7.72 -14.78
CA VAL C 280 -17.84 8.69 -15.86
C VAL C 280 -17.31 9.96 -15.25
N CYS C 281 -16.70 10.82 -16.06
CA CYS C 281 -16.18 12.06 -15.53
C CYS C 281 -16.74 13.23 -16.30
N PHE C 282 -16.65 14.40 -15.71
CA PHE C 282 -17.24 15.58 -16.28
C PHE C 282 -16.20 16.63 -16.03
N ILE C 283 -15.41 16.92 -17.06
CA ILE C 283 -14.35 17.89 -16.95
C ILE C 283 -14.88 19.20 -17.48
N VAL C 284 -14.67 20.27 -16.73
CA VAL C 284 -14.89 21.59 -17.28
C VAL C 284 -13.61 22.41 -17.19
N LEU C 285 -13.18 22.88 -18.37
CA LEU C 285 -11.93 23.61 -18.59
C LEU C 285 -12.07 25.11 -18.40
N LYS C 286 -10.99 25.75 -17.96
CA LYS C 286 -11.02 27.18 -17.60
C LYS C 286 -11.05 28.06 -18.85
N ASP C 287 -10.54 27.51 -19.95
CA ASP C 287 -10.42 28.18 -21.23
C ASP C 287 -10.45 27.12 -22.35
N ASN C 289 -8.95 26.50 -25.31
CA ASN C 289 -7.91 26.51 -26.35
C ASN C 289 -6.78 25.46 -26.29
N ILE C 290 -6.65 24.76 -25.17
CA ILE C 290 -5.61 23.73 -25.00
C ILE C 290 -5.83 22.51 -25.95
N PRO C 291 -4.74 21.96 -26.53
CA PRO C 291 -4.94 21.04 -27.66
C PRO C 291 -5.88 19.88 -27.35
N GLN C 292 -7.03 19.85 -28.01
CA GLN C 292 -8.04 18.83 -27.75
C GLN C 292 -7.43 17.44 -27.47
N GLU C 293 -6.46 17.03 -28.30
CA GLU C 293 -5.89 15.67 -28.26
C GLU C 293 -4.98 15.37 -27.05
N LEU C 294 -4.41 16.44 -26.48
CA LEU C 294 -3.72 16.38 -25.19
C LEU C 294 -4.73 16.04 -24.10
N VAL C 295 -5.83 16.78 -24.12
CA VAL C 295 -6.94 16.56 -23.19
C VAL C 295 -7.48 15.11 -23.29
N LEU C 296 -7.83 14.68 -24.49
CA LEU C 296 -8.22 13.29 -24.66
C LEU C 296 -7.16 12.31 -24.13
N GLU C 297 -5.88 12.60 -24.36
CA GLU C 297 -4.80 11.75 -23.83
C GLU C 297 -4.90 11.68 -22.29
N ASN C 298 -5.01 12.84 -21.65
CA ASN C 298 -5.07 12.90 -20.19
C ASN C 298 -6.25 12.11 -19.62
N ILE C 299 -7.38 12.13 -20.32
CA ILE C 299 -8.48 11.25 -19.94
C ILE C 299 -8.08 9.77 -20.09
N LYS C 300 -7.41 9.47 -21.20
CA LYS C 300 -6.99 8.10 -21.47
C LYS C 300 -6.10 7.56 -20.33
N LYS C 301 -5.22 8.40 -19.80
CA LYS C 301 -4.38 7.95 -18.69
C LYS C 301 -5.20 7.84 -17.41
N ALA C 302 -6.08 8.81 -17.19
CA ALA C 302 -6.96 8.77 -16.02
C ALA C 302 -7.74 7.44 -15.89
N LYS C 303 -8.27 6.92 -17.00
CA LYS C 303 -8.97 5.63 -16.94
C LYS C 303 -8.43 4.55 -15.97
N GLU C 304 -7.11 4.47 -15.81
CA GLU C 304 -6.51 3.36 -15.05
C GLU C 304 -6.76 3.45 -13.54
N PHE C 305 -6.94 4.67 -13.05
CA PHE C 305 -7.18 4.90 -11.63
C PHE C 305 -8.64 4.71 -11.17
N PHE C 306 -9.59 4.88 -12.08
CA PHE C 306 -11.03 4.82 -11.79
C PHE C 306 -11.74 3.65 -12.52
N GLN C 307 -11.52 2.41 -12.07
CA GLN C 307 -11.93 1.25 -12.89
C GLN C 307 -13.16 0.51 -12.35
N VAL D 2 -51.83 31.17 -40.77
CA VAL D 2 -52.14 29.76 -40.91
C VAL D 2 -53.19 29.41 -39.86
N LEU D 3 -54.10 28.49 -40.16
CA LEU D 3 -55.29 28.38 -39.33
C LEU D 3 -55.46 27.06 -38.56
N LEU D 4 -55.63 27.19 -37.24
CA LEU D 4 -55.79 26.08 -36.32
C LEU D 4 -57.28 25.88 -35.99
N GLY D 6 -60.54 22.53 -34.88
CA GLY D 6 -60.86 21.18 -34.45
C GLY D 6 -62.32 21.03 -34.08
N VAL D 7 -62.79 19.78 -34.01
CA VAL D 7 -64.16 19.50 -33.62
C VAL D 7 -64.24 19.29 -32.10
N ARG D 8 -65.43 19.03 -31.59
CA ARG D 8 -65.66 18.97 -30.14
C ARG D 8 -64.83 17.89 -29.44
N ARG D 9 -64.20 18.27 -28.32
CA ARG D 9 -63.40 17.36 -27.49
C ARG D 9 -62.12 16.83 -28.15
N CYS D 10 -61.46 17.70 -28.93
CA CYS D 10 -60.26 17.33 -29.69
C CYS D 10 -58.97 17.38 -28.88
N GLY D 11 -57.85 17.47 -29.59
CA GLY D 11 -56.56 17.78 -29.00
C GLY D 11 -56.31 19.28 -29.06
N LYS D 12 -56.89 19.92 -30.08
CA LYS D 12 -56.92 21.38 -30.26
C LYS D 12 -55.87 22.25 -29.54
N SER D 13 -56.27 22.91 -28.46
CA SER D 13 -55.40 23.87 -27.76
C SER D 13 -54.33 23.24 -26.86
N SER D 14 -54.61 22.03 -26.36
CA SER D 14 -53.64 21.32 -25.52
C SER D 14 -52.37 21.01 -26.31
N ILE D 15 -52.52 20.85 -27.61
CA ILE D 15 -51.40 20.71 -28.54
C ILE D 15 -50.67 22.04 -28.75
N CYS D 16 -51.43 23.13 -28.85
CA CYS D 16 -50.88 24.47 -29.08
C CYS D 16 -50.05 24.99 -27.91
N LYS D 17 -50.45 24.62 -26.69
CA LYS D 17 -49.68 24.98 -25.49
C LYS D 17 -48.39 24.16 -25.38
N VAL D 18 -48.43 22.92 -25.86
CA VAL D 18 -47.24 22.06 -25.94
C VAL D 18 -46.34 22.49 -27.12
N VAL D 19 -46.58 23.69 -27.66
CA VAL D 19 -45.81 24.17 -28.81
C VAL D 19 -44.93 25.41 -28.55
N PHE D 20 -45.56 26.57 -28.40
CA PHE D 20 -44.82 27.81 -28.12
C PHE D 20 -44.87 28.17 -26.64
N HIS D 21 -45.98 27.81 -26.00
CA HIS D 21 -46.14 28.07 -24.57
C HIS D 21 -45.25 27.15 -23.75
N ALA D 75 -52.29 28.89 -45.30
CA ALA D 75 -52.27 27.47 -44.92
C ALA D 75 -53.38 27.08 -43.93
N LEU D 76 -53.94 25.89 -44.13
CA LEU D 76 -55.06 25.38 -43.35
C LEU D 76 -54.68 24.19 -42.48
N VAL D 77 -55.18 24.12 -41.24
CA VAL D 77 -54.88 22.99 -40.35
C VAL D 77 -56.02 22.65 -39.38
N TYR D 78 -56.37 21.36 -39.32
CA TYR D 78 -57.56 20.91 -38.60
C TYR D 78 -57.35 19.57 -37.91
N VAL D 79 -57.55 19.52 -36.59
CA VAL D 79 -57.34 18.28 -35.81
C VAL D 79 -58.55 17.34 -35.77
N ILE D 80 -58.30 16.05 -35.67
CA ILE D 80 -59.34 15.02 -35.59
C ILE D 80 -58.95 13.99 -34.52
N ASP D 81 -59.94 13.39 -33.87
CA ASP D 81 -59.69 12.51 -32.73
C ASP D 81 -59.72 11.02 -33.02
N ILE D 87 -67.27 9.92 -37.48
CA ILE D 87 -67.75 10.32 -38.82
C ILE D 87 -68.29 11.75 -38.86
N ASN D 88 -68.61 12.30 -37.69
CA ASN D 88 -69.04 13.69 -37.55
C ASN D 88 -67.90 14.66 -37.85
N ALA D 89 -66.70 14.29 -37.43
CA ALA D 89 -65.52 15.12 -37.64
C ALA D 89 -65.17 15.29 -39.11
N ILE D 90 -65.51 14.30 -39.93
CA ILE D 90 -65.23 14.38 -41.37
C ILE D 90 -66.18 15.32 -42.13
N THR D 91 -67.41 15.45 -41.63
CA THR D 91 -68.37 16.37 -42.24
C THR D 91 -68.23 17.78 -41.68
N ASN D 92 -67.99 17.91 -40.38
CA ASN D 92 -67.64 19.22 -39.81
C ASN D 92 -66.37 19.70 -40.52
N LEU D 93 -65.49 18.76 -40.81
CA LEU D 93 -64.29 19.01 -41.58
C LEU D 93 -64.67 19.51 -42.96
N ALA D 94 -65.02 18.61 -43.86
CA ALA D 94 -65.33 18.96 -45.25
C ALA D 94 -66.13 20.26 -45.35
N ILE D 96 -66.19 22.76 -43.09
CA ILE D 96 -65.24 23.83 -42.82
C ILE D 96 -64.31 24.09 -44.01
N ILE D 97 -63.98 23.02 -44.73
CA ILE D 97 -63.09 23.09 -45.88
C ILE D 97 -63.70 23.89 -47.02
N GLU D 98 -65.02 23.81 -47.15
CA GLU D 98 -65.73 24.40 -48.29
C GLU D 98 -65.37 25.87 -48.56
N TYR D 99 -65.72 26.76 -47.63
CA TYR D 99 -65.55 28.21 -47.83
C TYR D 99 -64.13 28.56 -48.22
N ALA D 100 -63.22 27.63 -47.95
CA ALA D 100 -61.78 27.83 -48.12
C ALA D 100 -61.38 28.25 -49.54
N TYR D 101 -61.53 27.34 -50.50
CA TYR D 101 -61.05 27.62 -51.83
C TYR D 101 -61.72 28.84 -52.44
N LYS D 102 -62.92 29.17 -51.95
CA LYS D 102 -63.69 30.31 -52.45
C LYS D 102 -63.52 31.61 -51.64
N VAL D 103 -62.70 31.58 -50.59
CA VAL D 103 -62.37 32.81 -49.85
C VAL D 103 -60.84 32.95 -49.70
N ASN D 104 -60.08 32.04 -50.31
CA ASN D 104 -58.61 32.03 -50.20
C ASN D 104 -57.90 31.63 -51.49
N PRO D 105 -56.60 31.99 -51.60
CA PRO D 105 -55.76 31.76 -52.79
C PRO D 105 -55.59 30.28 -53.16
N SER D 106 -54.35 29.80 -53.09
CA SER D 106 -54.08 28.36 -53.28
C SER D 106 -53.51 27.76 -51.98
N ILE D 107 -54.15 28.09 -50.88
CA ILE D 107 -53.80 27.59 -49.56
C ILE D 107 -53.66 26.06 -49.56
N ASN D 108 -52.87 25.52 -48.63
CA ASN D 108 -52.73 24.07 -48.52
C ASN D 108 -53.60 23.46 -47.42
N ILE D 109 -54.01 22.21 -47.64
CA ILE D 109 -54.91 21.50 -46.73
C ILE D 109 -54.15 20.55 -45.79
N GLU D 110 -54.10 20.92 -44.52
CA GLU D 110 -53.30 20.21 -43.53
C GLU D 110 -54.18 19.73 -42.37
N VAL D 111 -54.28 18.42 -42.20
CA VAL D 111 -55.20 17.84 -41.22
C VAL D 111 -54.57 16.79 -40.31
N LEU D 112 -54.67 17.03 -39.01
CA LEU D 112 -54.05 16.19 -37.99
C LEU D 112 -54.96 15.08 -37.47
N ILE D 113 -54.78 13.87 -38.00
CA ILE D 113 -55.41 12.68 -37.43
C ILE D 113 -54.82 12.46 -36.03
N HIS D 114 -54.96 13.48 -35.19
CA HIS D 114 -54.30 13.57 -33.89
C HIS D 114 -54.67 12.45 -32.92
N LYS D 115 -54.07 12.51 -31.74
CA LYS D 115 -54.55 11.81 -30.57
C LYS D 115 -54.44 10.27 -30.61
N PHE D 123 -52.18 -0.18 -37.11
CA PHE D 123 -53.63 0.05 -37.04
C PHE D 123 -53.93 1.48 -37.51
N LYS D 124 -52.87 2.21 -37.86
CA LYS D 124 -52.97 3.56 -38.43
C LYS D 124 -53.41 3.49 -39.88
N VAL D 125 -52.89 2.50 -40.60
CA VAL D 125 -53.22 2.30 -42.01
C VAL D 125 -54.74 2.29 -42.20
N ASP D 126 -55.43 1.61 -41.28
CA ASP D 126 -56.89 1.45 -41.34
C ASP D 126 -57.68 2.76 -41.14
N ALA D 127 -57.69 3.28 -39.91
CA ALA D 127 -58.41 4.51 -39.59
C ALA D 127 -57.97 5.69 -40.48
N GLN D 128 -56.75 5.63 -41.00
CA GLN D 128 -56.26 6.67 -41.91
C GLN D 128 -56.85 6.53 -43.33
N ARG D 129 -56.77 5.34 -43.92
CA ARG D 129 -57.36 5.14 -45.24
C ARG D 129 -58.88 5.22 -45.14
N ASP D 130 -59.37 5.30 -43.90
CA ASP D 130 -60.75 5.66 -43.62
C ASP D 130 -60.92 7.18 -43.72
N ILE D 131 -60.41 7.91 -42.72
CA ILE D 131 -60.58 9.37 -42.67
C ILE D 131 -60.30 10.03 -44.01
N GLN D 133 -60.69 8.68 -47.02
CA GLN D 133 -61.83 8.44 -47.91
C GLN D 133 -63.06 9.24 -47.46
N ARG D 134 -63.45 9.12 -46.19
CA ARG D 134 -64.55 9.91 -45.65
C ARG D 134 -64.43 11.39 -46.06
N THR D 135 -63.22 11.94 -46.04
CA THR D 135 -63.00 13.35 -46.37
C THR D 135 -62.83 13.62 -47.87
N GLY D 136 -62.55 12.56 -48.63
CA GLY D 136 -62.58 12.67 -50.08
C GLY D 136 -63.98 12.36 -50.60
N GLU D 137 -64.91 12.17 -49.66
CA GLU D 137 -66.30 11.81 -49.97
C GLU D 137 -67.30 12.81 -49.40
N GLU D 138 -66.90 13.54 -48.36
CA GLU D 138 -67.70 14.65 -47.85
C GLU D 138 -67.28 15.91 -48.60
N LEU D 139 -66.04 15.87 -49.10
CA LEU D 139 -65.53 16.87 -50.04
C LEU D 139 -66.03 16.58 -51.45
N LEU D 140 -66.14 15.30 -51.79
CA LEU D 140 -66.61 14.86 -53.10
C LEU D 140 -68.04 15.30 -53.40
N GLU D 141 -68.78 15.68 -52.35
CA GLU D 141 -70.19 16.10 -52.46
C GLU D 141 -70.37 17.53 -53.03
N LEU D 142 -71.18 18.35 -52.37
CA LEU D 142 -71.30 19.75 -52.76
C LEU D 142 -69.91 20.41 -52.61
N GLY D 143 -69.39 20.93 -53.72
CA GLY D 143 -67.98 21.28 -53.82
C GLY D 143 -67.27 20.13 -54.51
N LEU D 144 -66.08 20.36 -55.05
CA LEU D 144 -65.38 19.32 -55.80
C LEU D 144 -64.08 18.83 -55.13
N ASP D 145 -63.34 17.98 -55.86
CA ASP D 145 -62.03 17.45 -55.43
C ASP D 145 -60.96 18.54 -55.59
N GLY D 146 -59.92 18.23 -56.36
CA GLY D 146 -58.86 19.19 -56.66
C GLY D 146 -57.95 19.54 -55.49
N VAL D 147 -58.52 19.61 -54.29
CA VAL D 147 -57.78 19.94 -53.08
C VAL D 147 -56.68 18.91 -52.80
N GLN D 148 -55.58 19.37 -52.22
CA GLN D 148 -54.45 18.49 -51.91
C GLN D 148 -54.36 18.20 -50.41
N VAL D 149 -55.41 17.58 -49.87
CA VAL D 149 -55.50 17.35 -48.42
C VAL D 149 -54.40 16.45 -47.87
N SER D 150 -53.49 17.05 -47.10
CA SER D 150 -52.39 16.32 -46.48
C SER D 150 -52.79 15.88 -45.08
N PHE D 151 -52.54 14.61 -44.77
CA PHE D 151 -52.89 14.06 -43.45
C PHE D 151 -51.66 13.71 -42.62
N TYR D 152 -51.67 14.14 -41.36
CA TYR D 152 -50.56 13.90 -40.43
C TYR D 152 -51.03 13.14 -39.19
N LEU D 153 -50.43 12.00 -38.90
CA LEU D 153 -50.71 11.28 -37.66
C LEU D 153 -50.00 11.99 -36.51
N THR D 154 -50.60 11.99 -35.33
CA THR D 154 -50.11 12.85 -34.24
C THR D 154 -50.16 12.15 -32.87
N SER D 155 -49.86 12.90 -31.80
CA SER D 155 -49.77 12.32 -30.45
C SER D 155 -49.88 13.33 -29.27
N ILE D 156 -48.95 14.29 -29.21
CA ILE D 156 -48.76 15.21 -28.06
C ILE D 156 -48.00 14.55 -26.91
N PHE D 157 -47.94 13.22 -26.94
CA PHE D 157 -47.09 12.46 -26.03
C PHE D 157 -45.78 12.12 -26.72
N ASP D 158 -45.84 11.93 -28.03
CA ASP D 158 -44.66 11.66 -28.85
C ASP D 158 -44.08 12.95 -29.44
N HIS D 159 -43.39 12.80 -30.57
CA HIS D 159 -42.78 13.93 -31.27
C HIS D 159 -43.44 14.16 -32.63
N SER D 160 -44.46 13.36 -32.94
CA SER D 160 -45.15 13.48 -34.23
C SER D 160 -46.00 14.76 -34.39
N ILE D 161 -46.28 15.43 -33.28
CA ILE D 161 -46.89 16.77 -33.33
C ILE D 161 -45.91 17.80 -33.88
N TYR D 162 -44.68 17.78 -33.36
CA TYR D 162 -43.63 18.69 -33.83
C TYR D 162 -43.18 18.31 -35.24
N GLU D 163 -43.15 17.00 -35.51
CA GLU D 163 -42.88 16.52 -36.87
C GLU D 163 -43.91 17.07 -37.85
N ALA D 164 -45.18 17.03 -37.46
CA ALA D 164 -46.27 17.54 -38.30
C ALA D 164 -46.17 19.05 -38.54
N PHE D 165 -46.02 19.83 -37.47
CA PHE D 165 -45.88 21.28 -37.61
C PHE D 165 -44.63 21.69 -38.40
N SER D 166 -43.57 20.92 -38.22
CA SER D 166 -42.37 21.11 -39.00
C SER D 166 -42.71 20.90 -40.47
N ARG D 167 -43.17 19.71 -40.82
CA ARG D 167 -43.48 19.38 -42.20
C ARG D 167 -44.47 20.37 -42.83
N ILE D 168 -45.27 21.03 -41.98
CA ILE D 168 -46.17 22.07 -42.45
C ILE D 168 -45.42 23.35 -42.79
N VAL D 169 -44.55 23.78 -41.88
CA VAL D 169 -43.78 25.01 -42.11
C VAL D 169 -42.78 24.87 -43.27
N GLN D 170 -42.14 23.71 -43.37
CA GLN D 170 -41.14 23.45 -44.40
C GLN D 170 -41.69 23.71 -45.81
N LYS D 171 -42.90 23.21 -46.08
CA LYS D 171 -43.65 23.57 -47.29
C LYS D 171 -44.62 24.73 -47.01
N LEU D 172 -44.06 25.95 -46.96
CA LEU D 172 -44.77 27.19 -46.65
C LEU D 172 -43.69 28.26 -46.59
N ILE D 173 -42.47 27.80 -46.45
CA ILE D 173 -41.31 28.67 -46.51
C ILE D 173 -40.87 28.78 -47.97
N PRO D 174 -40.35 29.95 -48.37
CA PRO D 174 -39.77 30.03 -49.71
C PRO D 174 -38.61 29.06 -49.82
N GLU D 175 -38.49 28.40 -50.96
CA GLU D 175 -37.31 27.58 -51.27
C GLU D 175 -37.14 26.31 -50.42
N LEU D 176 -38.04 25.37 -50.62
CA LEU D 176 -37.85 24.03 -50.14
C LEU D 176 -36.79 23.37 -51.02
N SER D 177 -36.72 23.82 -52.28
CA SER D 177 -35.91 23.19 -53.33
C SER D 177 -34.45 22.88 -52.95
N PHE D 178 -33.56 23.86 -53.10
CA PHE D 178 -32.14 23.69 -52.72
C PHE D 178 -31.90 23.80 -51.20
N LEU D 179 -32.77 24.47 -50.46
CA LEU D 179 -32.62 24.54 -49.00
C LEU D 179 -32.75 23.16 -48.36
N GLU D 180 -33.00 22.15 -49.18
CA GLU D 180 -33.04 20.77 -48.73
C GLU D 180 -32.10 19.97 -49.63
N ASN D 181 -31.71 20.59 -50.75
CA ASN D 181 -30.62 20.08 -51.55
C ASN D 181 -29.31 20.46 -50.87
N LEU D 183 -28.61 20.41 -47.80
CA LEU D 183 -28.23 19.39 -46.84
C LEU D 183 -28.55 17.98 -47.29
N ASP D 184 -29.36 17.85 -48.32
CA ASP D 184 -29.54 16.53 -48.91
C ASP D 184 -28.32 16.27 -49.76
N ASN D 185 -28.35 16.77 -50.99
CA ASN D 185 -27.24 16.65 -51.92
C ASN D 185 -25.97 17.16 -51.24
N LEU D 186 -25.94 18.46 -51.01
CA LEU D 186 -24.73 19.15 -50.56
C LEU D 186 -24.26 18.74 -49.15
N ILE D 187 -24.96 17.77 -48.55
CA ILE D 187 -24.43 17.03 -47.41
C ILE D 187 -24.65 15.50 -47.52
N GLN D 188 -24.38 14.96 -48.70
CA GLN D 188 -24.08 13.54 -48.82
C GLN D 188 -22.82 13.34 -49.67
N HIS D 189 -22.00 14.38 -49.61
CA HIS D 189 -20.58 14.28 -49.81
C HIS D 189 -19.98 14.34 -48.39
N SER D 190 -20.32 13.34 -47.58
CA SER D 190 -20.03 13.34 -46.13
C SER D 190 -20.37 12.00 -45.47
N LYS D 191 -20.13 11.90 -44.17
CA LYS D 191 -20.42 10.65 -43.46
C LYS D 191 -21.74 10.76 -42.67
N ILE D 192 -22.32 11.96 -42.69
CA ILE D 192 -23.62 12.29 -42.15
C ILE D 192 -24.71 11.46 -42.79
N GLU D 193 -25.83 11.26 -42.09
CA GLU D 193 -26.91 10.44 -42.61
C GLU D 193 -28.31 10.99 -42.36
N LYS D 194 -28.41 12.00 -41.51
CA LYS D 194 -29.58 12.88 -41.50
C LYS D 194 -29.20 14.17 -40.81
N ALA D 195 -29.70 15.27 -41.34
CA ALA D 195 -29.53 16.56 -40.69
C ALA D 195 -30.90 17.19 -40.42
N PHE D 196 -30.93 18.26 -39.63
CA PHE D 196 -32.13 19.00 -39.36
C PHE D 196 -31.63 20.38 -39.08
N LEU D 197 -32.06 21.37 -39.84
CA LEU D 197 -31.82 22.73 -39.39
C LEU D 197 -32.75 22.82 -38.19
N PHE D 198 -32.79 23.92 -37.43
CA PHE D 198 -33.63 23.83 -36.25
C PHE D 198 -34.36 25.05 -35.72
N ASP D 199 -33.83 25.68 -34.68
CA ASP D 199 -34.77 26.34 -33.78
C ASP D 199 -34.26 27.57 -33.05
N VAL D 200 -35.20 28.26 -32.41
CA VAL D 200 -34.90 29.09 -31.25
C VAL D 200 -35.27 28.27 -29.99
N ASN D 201 -36.55 28.28 -29.62
CA ASN D 201 -37.04 27.51 -28.48
C ASN D 201 -37.87 26.27 -28.87
N SER D 202 -38.47 26.30 -30.05
CA SER D 202 -38.93 25.08 -30.70
C SER D 202 -37.97 24.98 -31.85
N LYS D 203 -37.34 23.83 -32.11
CA LYS D 203 -37.78 22.46 -31.80
C LYS D 203 -38.70 21.99 -32.92
N ILE D 204 -38.55 22.61 -34.08
CA ILE D 204 -39.22 22.24 -35.32
C ILE D 204 -38.25 22.43 -36.51
N TYR D 205 -38.29 21.52 -37.48
CA TYR D 205 -37.39 21.51 -38.63
C TYR D 205 -36.78 22.83 -39.11
N VAL D 206 -37.65 23.75 -39.52
CA VAL D 206 -37.26 24.80 -40.46
C VAL D 206 -36.77 24.12 -41.73
N SER D 207 -36.32 22.87 -41.61
CA SER D 207 -36.01 22.00 -42.75
C SER D 207 -35.44 20.65 -42.31
N THR D 208 -35.33 19.71 -43.26
CA THR D 208 -34.67 18.43 -43.02
C THR D 208 -34.08 17.97 -44.33
N ASP D 209 -33.62 16.73 -44.39
CA ASP D 209 -33.07 16.19 -45.63
C ASP D 209 -34.16 15.44 -46.40
N SER D 210 -33.78 14.84 -47.52
CA SER D 210 -34.72 14.14 -48.42
C SER D 210 -35.26 12.82 -47.84
N ASN D 211 -34.37 12.05 -47.20
CA ASN D 211 -34.73 10.77 -46.57
C ASN D 211 -35.91 10.86 -45.53
N PRO D 212 -36.49 9.70 -45.15
CA PRO D 212 -37.74 9.61 -44.37
C PRO D 212 -37.89 10.50 -43.11
N VAL D 213 -36.90 10.50 -42.21
CA VAL D 213 -36.99 11.20 -40.92
C VAL D 213 -37.70 10.32 -39.88
N ASP D 214 -37.08 9.20 -39.53
CA ASP D 214 -37.68 8.31 -38.54
C ASP D 214 -37.95 9.13 -37.30
N ILE D 215 -39.17 9.08 -36.79
CA ILE D 215 -39.56 9.97 -35.67
C ILE D 215 -38.54 9.85 -34.53
N GLN D 216 -38.08 8.63 -34.27
CA GLN D 216 -37.01 8.38 -33.32
C GLN D 216 -35.87 9.36 -33.55
N TYR D 218 -35.78 12.10 -35.14
CA TYR D 218 -36.16 13.47 -34.91
C TYR D 218 -36.05 13.79 -33.42
N GLU D 219 -36.48 12.85 -32.59
CA GLU D 219 -36.49 13.10 -31.15
C GLU D 219 -35.09 13.34 -30.61
N VAL D 220 -34.18 12.39 -30.88
CA VAL D 220 -32.81 12.46 -30.41
C VAL D 220 -32.20 13.83 -30.69
N CYS D 221 -32.26 14.24 -31.95
CA CYS D 221 -31.75 15.55 -32.31
C CYS D 221 -32.33 16.65 -31.39
N SER D 222 -33.66 16.72 -31.27
CA SER D 222 -34.26 17.72 -30.40
C SER D 222 -33.78 17.54 -28.95
N GLU D 223 -33.76 16.29 -28.49
CA GLU D 223 -33.37 16.04 -27.12
C GLU D 223 -31.91 16.39 -26.96
N PHE D 224 -31.14 16.17 -28.03
CA PHE D 224 -29.73 16.49 -27.98
C PHE D 224 -29.53 17.99 -27.92
N ILE D 225 -30.48 18.75 -28.46
CA ILE D 225 -30.40 20.20 -28.38
C ILE D 225 -30.48 20.51 -26.93
N ASP D 226 -31.42 19.86 -26.26
CA ASP D 226 -31.69 20.20 -24.86
C ASP D 226 -30.47 19.94 -24.00
N VAL D 227 -29.95 18.72 -24.11
CA VAL D 227 -28.76 18.33 -23.40
C VAL D 227 -27.61 19.28 -23.65
N THR D 228 -27.54 19.91 -24.83
CA THR D 228 -26.44 20.85 -25.02
C THR D 228 -26.73 22.22 -24.43
N ILE D 229 -27.99 22.62 -24.47
CA ILE D 229 -28.36 23.91 -23.91
C ILE D 229 -28.24 23.85 -22.38
N ASP D 230 -28.84 22.82 -21.78
CA ASP D 230 -28.82 22.64 -20.32
C ASP D 230 -27.41 22.56 -19.73
N LEU D 231 -26.52 21.76 -20.33
CA LEU D 231 -25.17 21.66 -19.80
C LEU D 231 -24.58 23.02 -20.00
N PHE D 232 -24.82 23.58 -21.18
CA PHE D 232 -24.19 24.83 -21.56
C PHE D 232 -24.47 25.89 -20.51
N ASP D 233 -25.75 26.07 -20.19
CA ASP D 233 -26.13 27.10 -19.22
C ASP D 233 -25.59 26.84 -17.82
N LEU D 234 -25.43 25.57 -17.43
CA LEU D 234 -24.90 25.21 -16.11
C LEU D 234 -23.57 25.91 -15.77
N TYR D 235 -22.81 26.30 -16.79
CA TYR D 235 -21.50 26.91 -16.59
C TYR D 235 -21.28 28.17 -17.46
N LYS D 236 -20.52 29.13 -16.92
CA LYS D 236 -20.06 30.29 -17.69
C LYS D 236 -19.01 31.13 -16.93
N ALA D 237 -17.81 31.20 -17.51
CA ALA D 237 -16.64 31.85 -16.89
C ALA D 237 -16.18 31.11 -15.63
N GLU D 258 -16.52 26.00 -31.10
CA GLU D 258 -17.50 26.99 -31.58
C GLU D 258 -18.69 27.09 -30.58
N LEU D 259 -19.95 27.17 -31.05
CA LEU D 259 -21.09 26.76 -30.21
C LEU D 259 -21.66 25.43 -30.71
N GLN D 260 -20.96 24.36 -30.38
CA GLN D 260 -21.23 23.06 -30.96
C GLN D 260 -21.24 22.04 -29.85
N ASN D 261 -21.42 20.79 -30.24
CA ASN D 261 -21.48 19.71 -29.28
C ASN D 261 -21.38 18.42 -30.07
N VAL D 262 -20.45 17.54 -29.69
CA VAL D 262 -20.26 16.30 -30.42
C VAL D 262 -20.43 15.23 -29.40
N SER D 263 -20.99 14.10 -29.76
CA SER D 263 -21.10 13.02 -28.80
C SER D 263 -21.15 11.69 -29.52
N GLN D 264 -20.60 10.64 -28.93
CA GLN D 264 -20.44 9.38 -29.65
C GLN D 264 -20.90 8.23 -28.80
N LEU D 265 -21.57 7.28 -29.44
CA LEU D 265 -22.13 6.14 -28.72
C LEU D 265 -21.19 4.95 -28.83
N ALA D 266 -21.52 3.81 -28.23
CA ALA D 266 -20.67 2.62 -28.32
C ALA D 266 -20.79 2.02 -29.71
N ASN D 267 -21.81 2.48 -30.41
CA ASN D 267 -22.03 2.25 -31.84
C ASN D 267 -20.89 2.72 -32.72
N GLY D 268 -20.34 3.88 -32.36
CA GLY D 268 -19.62 4.74 -33.28
C GLY D 268 -20.49 5.92 -33.68
N VAL D 269 -21.80 5.71 -33.74
CA VAL D 269 -22.73 6.77 -34.16
C VAL D 269 -22.45 8.10 -33.46
N ILE D 270 -21.94 9.06 -34.21
CA ILE D 270 -21.80 10.41 -33.68
C ILE D 270 -23.17 11.14 -33.75
N ILE D 271 -23.45 11.99 -32.77
CA ILE D 271 -24.51 12.99 -32.84
C ILE D 271 -23.81 14.32 -32.77
N TYR D 272 -24.18 15.26 -33.62
CA TYR D 272 -23.39 16.47 -33.76
C TYR D 272 -24.30 17.69 -33.86
N LEU D 273 -23.89 18.80 -33.25
CA LEU D 273 -24.68 20.04 -33.31
C LEU D 273 -23.87 21.36 -33.35
N ARG D 274 -23.99 22.10 -34.46
CA ARG D 274 -23.36 23.42 -34.59
C ARG D 274 -24.34 24.56 -34.79
N GLN D 275 -24.22 25.59 -33.94
CA GLN D 275 -24.99 26.82 -34.08
C GLN D 275 -24.71 27.42 -35.45
N ILE D 277 -26.89 30.62 -37.71
CA ILE D 277 -27.10 32.06 -37.71
C ILE D 277 -28.43 32.44 -37.10
N ARG D 278 -28.47 33.62 -36.48
CA ARG D 278 -29.65 34.09 -35.75
C ARG D 278 -30.25 32.95 -34.90
N GLY D 279 -29.36 32.25 -34.20
CA GLY D 279 -29.76 31.21 -33.26
C GLY D 279 -30.53 30.03 -33.82
N LEU D 280 -30.09 29.48 -34.94
CA LEU D 280 -30.52 28.14 -35.35
C LEU D 280 -29.38 27.16 -35.05
N ALA D 281 -29.54 25.93 -35.50
CA ALA D 281 -28.58 24.90 -35.20
C ALA D 281 -28.74 23.73 -36.15
N LEU D 282 -27.64 23.30 -36.74
CA LEU D 282 -27.66 22.08 -37.53
C LEU D 282 -27.46 20.92 -36.58
N VAL D 283 -28.37 19.96 -36.57
CA VAL D 283 -28.10 18.78 -35.77
C VAL D 283 -28.06 17.64 -36.79
N ALA D 284 -27.07 16.76 -36.65
CA ALA D 284 -26.88 15.71 -37.66
C ALA D 284 -26.41 14.44 -36.99
N ILE D 285 -26.83 13.30 -37.53
CA ILE D 285 -26.37 12.01 -37.06
C ILE D 285 -25.34 11.43 -38.03
N ILE D 286 -24.14 11.17 -37.55
CA ILE D 286 -23.04 10.67 -38.38
C ILE D 286 -22.85 9.18 -38.16
N ARG D 287 -22.89 8.38 -39.23
CA ARG D 287 -22.61 6.96 -39.13
C ARG D 287 -21.20 6.70 -39.71
N PRO D 288 -20.17 6.70 -38.85
CA PRO D 288 -18.80 6.60 -39.35
C PRO D 288 -18.53 5.31 -40.09
N ASN D 289 -19.24 4.24 -39.74
CA ASN D 289 -19.13 2.96 -40.46
C ASN D 289 -17.69 2.43 -40.58
N GLY D 290 -16.80 2.79 -39.66
CA GLY D 290 -15.46 2.24 -39.67
C GLY D 290 -14.31 3.15 -40.13
N THR D 291 -14.59 4.43 -40.35
CA THR D 291 -13.50 5.41 -40.35
C THR D 291 -13.41 5.91 -38.90
N ASP D 292 -12.46 6.80 -38.62
CA ASP D 292 -12.31 7.30 -37.26
C ASP D 292 -13.14 8.56 -36.99
N GLU D 294 -12.17 11.77 -35.67
CA GLU D 294 -11.54 13.01 -36.11
C GLU D 294 -11.74 13.30 -37.62
N SER D 295 -11.59 12.27 -38.46
CA SER D 295 -11.76 12.39 -39.91
C SER D 295 -13.20 12.73 -40.31
N CYS D 296 -14.15 11.95 -39.76
CA CYS D 296 -15.59 12.19 -39.90
C CYS D 296 -15.97 13.63 -39.68
N LEU D 297 -15.49 14.19 -38.58
CA LEU D 297 -15.75 15.59 -38.26
C LEU D 297 -15.02 16.63 -39.15
N THR D 298 -13.82 16.32 -39.66
CA THR D 298 -13.14 17.26 -40.56
C THR D 298 -13.92 17.35 -41.87
N VAL D 299 -14.28 16.19 -42.43
CA VAL D 299 -15.05 16.16 -43.68
C VAL D 299 -16.40 16.86 -43.52
N ALA D 300 -17.15 16.39 -42.53
CA ALA D 300 -18.42 17.00 -42.20
C ALA D 300 -18.25 18.50 -42.03
N ASP D 301 -17.20 18.96 -41.36
CA ASP D 301 -17.00 20.39 -41.17
C ASP D 301 -16.74 21.14 -42.48
N TYR D 302 -16.11 20.48 -43.44
CA TYR D 302 -15.94 21.13 -44.74
C TYR D 302 -17.30 21.38 -45.36
N ASN D 303 -18.06 20.29 -45.57
CA ASN D 303 -19.38 20.42 -46.20
C ASN D 303 -20.35 21.36 -45.44
N ILE D 304 -20.33 21.26 -44.12
CA ILE D 304 -21.17 22.05 -43.22
C ILE D 304 -20.75 23.51 -43.27
N ASP D 305 -19.46 23.76 -43.50
CA ASP D 305 -19.02 25.14 -43.63
C ASP D 305 -19.59 25.72 -44.91
N ILE D 306 -19.60 24.89 -45.95
CA ILE D 306 -20.21 25.28 -47.24
C ILE D 306 -21.70 25.64 -47.08
N PHE D 307 -22.41 24.76 -46.36
CA PHE D 307 -23.84 24.94 -46.06
C PHE D 307 -24.12 26.22 -45.24
N LYS D 308 -23.36 26.44 -44.16
CA LYS D 308 -23.56 27.65 -43.35
C LYS D 308 -23.25 28.92 -44.13
N LYS D 309 -22.30 28.84 -45.07
CA LYS D 309 -22.07 29.95 -46.01
C LYS D 309 -23.33 30.20 -46.84
N GLY D 310 -23.95 29.12 -47.34
CA GLY D 310 -25.24 29.22 -47.99
C GLY D 310 -26.36 29.87 -47.17
N LEU D 311 -26.48 29.51 -45.89
CA LEU D 311 -27.44 30.19 -45.03
C LEU D 311 -27.06 31.64 -44.78
N GLU D 312 -25.78 31.97 -44.90
CA GLU D 312 -25.37 33.36 -44.68
C GLU D 312 -25.67 34.27 -45.89
N ASP D 313 -25.97 33.66 -47.03
CA ASP D 313 -26.41 34.39 -48.21
C ASP D 313 -27.87 34.86 -48.08
N ILE D 314 -28.30 35.19 -46.85
CA ILE D 314 -29.68 35.60 -46.57
C ILE D 314 -29.77 36.96 -45.84
#